data_7N1S
#
_entry.id   7N1S
#
_cell.length_a   65.204
_cell.length_b   77.712
_cell.length_c   129.292
_cell.angle_alpha   90.000
_cell.angle_beta   90.000
_cell.angle_gamma   90.000
#
_symmetry.space_group_name_H-M   'P 21 21 21'
#
loop_
_entity.id
_entity.type
_entity.pdbx_description
1 polymer 'Phosphodiesterase-nucleotide pyrophosphatase'
2 non-polymer 'ZINC ION'
3 non-polymer 'TETRAETHYLENE GLYCOL'
4 water water
#
_entity_poly.entity_id   1
_entity_poly.type   'polypeptide(L)'
_entity_poly.pdbx_seq_one_letter_code
;TPHALLLISIDGLRADMLDRGITPNLSHLAREGVRARWMAPSYPSLTFPNHYTLVTGLRPDHHGIVHNSMRDPTLGGFWL
SKSEAVGDARWWGGEPVWVGVENTGQHAATWSWPGSEAAIKGVRPSQWRHYQKGVRLDTRVDAVRGWLATDGAQRNRLVT
LYFEHVDEAGADHGPESRQYADAVRAVDAAIGRLLAGMQRDGTRARTNIIVVSDHGMAEVAPGHAISVEDIAPPQIATAI
TDGQVIGFEPLPGQQAAAEASVLGAHDHYDCWRKAELPARWQYGSHPRIPSLVCQMHEGWDALFPDKLAKRAQRGTRGSH
GYDPALPSMRAVFLAQGPDLAQGKTLPGFDNVDVYALMSRLLGIPAAPNDGNPATLLPALRMP
;
_entity_poly.pdbx_strand_id   A,B
#
# COMPACT_ATOMS: atom_id res chain seq x y z
N THR A 1 34.89 -16.14 5.46
CA THR A 1 34.75 -17.43 4.69
C THR A 1 33.32 -17.64 4.13
N PRO A 2 33.21 -18.43 3.01
CA PRO A 2 31.88 -18.82 2.52
C PRO A 2 31.15 -19.76 3.49
N HIS A 3 29.89 -19.41 3.73
CA HIS A 3 28.99 -20.07 4.68
C HIS A 3 27.80 -20.57 3.91
N ALA A 4 27.20 -21.65 4.40
CA ALA A 4 26.00 -22.17 3.76
C ALA A 4 24.79 -21.30 4.12
N LEU A 5 23.72 -21.41 3.31
CA LEU A 5 22.43 -20.70 3.55
C LEU A 5 21.28 -21.70 3.57
N LEU A 6 20.57 -21.74 4.68
CA LEU A 6 19.36 -22.56 4.78
C LEU A 6 18.16 -21.60 4.64
N LEU A 7 17.31 -21.84 3.65
CA LEU A 7 16.15 -21.03 3.41
C LEU A 7 14.91 -21.89 3.72
N ILE A 8 14.11 -21.46 4.68
CA ILE A 8 12.90 -22.15 5.14
C ILE A 8 11.65 -21.30 4.84
N SER A 9 10.65 -21.88 4.18
CA SER A 9 9.30 -21.28 4.10
C SER A 9 8.29 -22.04 4.97
N ILE A 10 7.56 -21.29 5.80
CA ILE A 10 6.39 -21.84 6.50
C ILE A 10 5.17 -21.25 5.85
N ASP A 11 4.56 -22.02 4.98
CA ASP A 11 3.51 -21.50 4.13
C ASP A 11 2.38 -21.04 5.04
N GLY A 12 1.86 -19.84 4.75
CA GLY A 12 0.68 -19.30 5.42
C GLY A 12 0.88 -18.88 6.87
N LEU A 13 2.14 -18.79 7.32
CA LEU A 13 2.48 -18.21 8.62
C LEU A 13 2.37 -16.66 8.62
N ARG A 14 1.37 -16.17 9.36
CA ARG A 14 1.09 -14.77 9.48
C ARG A 14 2.01 -14.13 10.46
N ALA A 15 2.32 -12.85 10.23
CA ALA A 15 3.42 -12.15 10.90
C ALA A 15 3.29 -12.03 12.44
N ASP A 16 2.04 -11.93 12.92
CA ASP A 16 1.73 -11.82 14.38
C ASP A 16 1.88 -13.14 15.14
N MET A 17 2.01 -14.24 14.41
CA MET A 17 2.13 -15.54 15.01
C MET A 17 3.45 -15.79 15.73
N LEU A 18 4.45 -14.95 15.48
CA LEU A 18 5.72 -15.02 16.21
C LEU A 18 5.65 -14.48 17.62
N ASP A 19 4.55 -13.80 17.95
CA ASP A 19 4.45 -13.06 19.20
C ASP A 19 3.31 -13.57 20.07
N ARG A 20 3.00 -14.86 19.92
CA ARG A 20 1.94 -15.50 20.67
C ARG A 20 2.42 -16.58 21.62
N GLY A 21 3.72 -16.67 21.84
CA GLY A 21 4.32 -17.72 22.68
C GLY A 21 4.07 -19.15 22.22
N ILE A 22 3.94 -19.37 20.92
CA ILE A 22 3.76 -20.72 20.34
C ILE A 22 4.92 -21.05 19.37
N THR A 23 5.96 -20.20 19.34
CA THR A 23 7.10 -20.43 18.46
C THR A 23 8.39 -20.26 19.25
N PRO A 24 8.61 -21.09 20.29
CA PRO A 24 9.78 -20.91 21.15
C PRO A 24 11.12 -20.99 20.42
N ASN A 25 11.22 -21.90 19.47
CA ASN A 25 12.46 -22.02 18.64
C ASN A 25 12.68 -20.87 17.65
N LEU A 26 11.62 -20.50 16.93
CA LEU A 26 11.69 -19.31 16.03
C LEU A 26 11.91 -17.99 16.75
N SER A 27 11.25 -17.84 17.91
CA SER A 27 11.42 -16.65 18.76
C SER A 27 12.85 -16.52 19.23
N HIS A 28 13.41 -17.63 19.70
CA HIS A 28 14.81 -17.66 20.15
C HIS A 28 15.74 -17.32 18.95
N LEU A 29 15.48 -17.92 17.81
CA LEU A 29 16.28 -17.64 16.62
C LEU A 29 16.27 -16.14 16.24
N ALA A 30 15.10 -15.51 16.34
CA ALA A 30 14.93 -14.09 15.98
C ALA A 30 15.67 -13.16 16.95
N ARG A 31 15.51 -13.42 18.26
CA ARG A 31 16.26 -12.76 19.35
C ARG A 31 17.78 -12.84 19.17
N GLU A 32 18.26 -13.99 18.67
CA GLU A 32 19.69 -14.17 18.35
C GLU A 32 20.09 -13.56 17.02
N GLY A 33 19.10 -13.15 16.26
CA GLY A 33 19.29 -12.81 14.88
C GLY A 33 18.52 -11.54 14.56
N VAL A 34 17.99 -11.50 13.35
CA VAL A 34 17.33 -10.34 12.81
C VAL A 34 15.91 -10.70 12.62
N ARG A 35 15.03 -9.78 12.93
CA ARG A 35 13.62 -9.99 12.66
C ARG A 35 12.96 -8.75 12.04
N ALA A 36 12.21 -8.91 10.94
CA ALA A 36 11.38 -7.82 10.46
C ALA A 36 10.12 -7.78 11.28
N ARG A 37 9.55 -6.60 11.41
CA ARG A 37 8.22 -6.51 11.97
C ARG A 37 7.22 -7.35 11.21
N TRP A 38 7.40 -7.35 9.89
CA TRP A 38 6.62 -8.17 9.00
C TRP A 38 7.19 -7.97 7.62
N MET A 39 6.75 -8.83 6.72
CA MET A 39 7.17 -8.81 5.31
C MET A 39 5.92 -8.89 4.48
N ALA A 40 5.69 -7.94 3.58
CA ALA A 40 4.47 -7.97 2.76
C ALA A 40 4.66 -8.84 1.49
N PRO A 41 3.61 -9.61 1.13
CA PRO A 41 3.69 -10.38 -0.09
C PRO A 41 3.56 -9.49 -1.32
N SER A 42 3.87 -10.03 -2.51
CA SER A 42 3.53 -9.38 -3.78
C SER A 42 2.12 -9.80 -4.25
N TYR A 43 1.52 -8.97 -5.09
CA TYR A 43 0.20 -9.26 -5.68
C TYR A 43 0.37 -10.20 -6.87
N PRO A 44 -0.36 -11.33 -6.91
CA PRO A 44 -1.45 -11.65 -5.94
C PRO A 44 -0.94 -12.43 -4.80
N SER A 45 -1.60 -12.31 -3.65
CA SER A 45 -1.03 -12.88 -2.42
C SER A 45 -1.30 -14.38 -2.25
N LEU A 46 -0.76 -15.11 -3.21
CA LEU A 46 -0.94 -16.55 -3.40
C LEU A 46 0.38 -17.31 -3.30
N THR A 47 0.28 -18.62 -3.16
CA THR A 47 1.45 -19.46 -2.77
C THR A 47 2.55 -19.54 -3.88
N PHE A 48 2.14 -19.88 -5.07
CA PHE A 48 3.13 -20.08 -6.11
C PHE A 48 3.76 -18.77 -6.53
N PRO A 49 2.93 -17.75 -6.85
CA PRO A 49 3.51 -16.45 -7.22
C PRO A 49 4.46 -15.89 -6.17
N ASN A 50 4.14 -16.09 -4.88
CA ASN A 50 5.03 -15.55 -3.84
C ASN A 50 6.27 -16.36 -3.49
N HIS A 51 6.18 -17.70 -3.55
CA HIS A 51 7.37 -18.51 -3.34
C HIS A 51 8.35 -18.19 -4.49
N TYR A 52 7.83 -18.01 -5.69
CA TYR A 52 8.73 -17.73 -6.84
C TYR A 52 9.33 -16.33 -6.79
N THR A 53 8.53 -15.34 -6.37
CA THR A 53 9.05 -14.00 -6.09
C THR A 53 10.22 -14.03 -5.10
N LEU A 54 10.04 -14.76 -3.98
CA LEU A 54 11.05 -14.83 -2.96
C LEU A 54 12.43 -15.23 -3.47
N VAL A 55 12.47 -16.20 -4.39
CA VAL A 55 13.74 -16.72 -4.90
C VAL A 55 14.21 -16.01 -6.18
N THR A 56 13.40 -15.14 -6.76
CA THR A 56 13.81 -14.36 -7.96
C THR A 56 14.04 -12.86 -7.74
N GLY A 57 13.48 -12.33 -6.65
CA GLY A 57 13.34 -10.89 -6.49
C GLY A 57 12.39 -10.18 -7.48
N LEU A 58 11.56 -10.92 -8.21
CA LEU A 58 10.67 -10.34 -9.20
C LEU A 58 9.26 -10.39 -8.71
N ARG A 59 8.48 -9.37 -9.09
CA ARG A 59 7.02 -9.34 -8.95
C ARG A 59 6.42 -10.39 -9.85
N PRO A 60 5.28 -11.00 -9.43
CA PRO A 60 4.62 -11.99 -10.27
C PRO A 60 4.34 -11.54 -11.70
N ASP A 61 4.01 -10.28 -11.88
CA ASP A 61 3.76 -9.72 -13.20
C ASP A 61 4.95 -9.77 -14.13
N HIS A 62 6.17 -9.85 -13.57
CA HIS A 62 7.41 -9.99 -14.34
C HIS A 62 7.90 -11.43 -14.47
N HIS A 63 7.76 -12.25 -13.44
CA HIS A 63 8.28 -13.61 -13.47
C HIS A 63 7.38 -14.62 -14.18
N GLY A 64 6.12 -14.25 -14.42
CA GLY A 64 5.20 -15.06 -15.21
C GLY A 64 4.25 -15.99 -14.43
N ILE A 65 4.58 -16.33 -13.22
CA ILE A 65 3.69 -17.17 -12.35
C ILE A 65 2.70 -16.23 -11.71
N VAL A 66 1.73 -15.85 -12.51
CA VAL A 66 0.82 -14.75 -12.15
C VAL A 66 -0.38 -15.21 -11.29
N HIS A 67 -0.55 -16.49 -11.16
CA HIS A 67 -1.61 -17.07 -10.29
C HIS A 67 -1.13 -18.50 -10.05
N ASN A 68 -1.78 -19.20 -9.12
CA ASN A 68 -1.68 -20.66 -8.98
C ASN A 68 -2.23 -21.45 -10.18
N SER A 69 -3.17 -20.87 -10.91
CA SER A 69 -3.81 -21.47 -12.06
C SER A 69 -3.81 -20.46 -13.16
N MET A 70 -3.33 -20.87 -14.32
CA MET A 70 -3.19 -19.98 -15.47
C MET A 70 -3.40 -20.71 -16.79
N ARG A 71 -3.55 -19.92 -17.81
CA ARG A 71 -3.52 -20.36 -19.16
C ARG A 71 -2.59 -19.51 -19.99
N ASP A 72 -1.96 -20.16 -20.95
CA ASP A 72 -1.06 -19.49 -21.89
C ASP A 72 -1.40 -19.96 -23.29
N PRO A 73 -1.45 -19.03 -24.26
CA PRO A 73 -1.85 -19.48 -25.58
C PRO A 73 -0.96 -20.61 -26.18
N THR A 74 0.32 -20.66 -25.80
CA THR A 74 1.26 -21.65 -26.32
C THR A 74 1.43 -22.86 -25.40
N LEU A 75 1.60 -22.62 -24.11
CA LEU A 75 1.88 -23.73 -23.20
C LEU A 75 0.62 -24.43 -22.69
N GLY A 76 -0.57 -23.93 -23.00
CA GLY A 76 -1.81 -24.55 -22.45
C GLY A 76 -2.18 -24.09 -21.05
N GLY A 77 -2.53 -25.04 -20.18
CA GLY A 77 -3.01 -24.79 -18.83
C GLY A 77 -1.97 -25.09 -17.78
N PHE A 78 -2.08 -24.44 -16.61
CA PHE A 78 -1.15 -24.63 -15.49
C PHE A 78 -1.96 -24.59 -14.23
N TRP A 79 -1.77 -25.57 -13.36
CA TRP A 79 -2.25 -25.57 -11.99
C TRP A 79 -1.31 -26.44 -11.19
N LEU A 80 -1.47 -26.41 -9.87
CA LEU A 80 -0.46 -26.89 -8.95
C LEU A 80 -0.22 -28.38 -9.01
N SER A 81 -1.23 -29.16 -9.37
CA SER A 81 -1.07 -30.62 -9.46
C SER A 81 -0.81 -31.17 -10.89
N LYS A 82 -0.80 -30.31 -11.91
CA LYS A 82 -0.41 -30.74 -13.25
C LYS A 82 1.11 -30.74 -13.35
N SER A 83 1.71 -31.83 -12.91
CA SER A 83 3.18 -31.92 -12.74
C SER A 83 3.99 -31.57 -14.00
N GLU A 84 3.43 -31.82 -15.17
CA GLU A 84 4.18 -31.54 -16.39
C GLU A 84 4.03 -30.10 -16.86
N ALA A 85 3.16 -29.32 -16.22
CA ALA A 85 3.18 -27.85 -16.35
C ALA A 85 4.18 -27.27 -15.33
N VAL A 86 4.01 -27.63 -14.06
CA VAL A 86 4.92 -27.23 -12.96
C VAL A 86 6.42 -27.53 -13.27
N GLY A 87 6.68 -28.68 -13.90
CA GLY A 87 8.03 -29.12 -14.25
C GLY A 87 8.54 -28.62 -15.61
N ASP A 88 7.76 -27.77 -16.29
CA ASP A 88 8.14 -27.17 -17.57
C ASP A 88 8.74 -25.76 -17.37
N ALA A 89 10.06 -25.65 -17.54
CA ALA A 89 10.82 -24.39 -17.43
C ALA A 89 10.25 -23.18 -18.14
N ARG A 90 9.49 -23.38 -19.21
CA ARG A 90 8.95 -22.25 -19.98
C ARG A 90 7.93 -21.35 -19.24
N TRP A 91 7.29 -21.88 -18.20
CA TRP A 91 6.41 -21.04 -17.33
C TRP A 91 7.17 -20.03 -16.47
N TRP A 92 8.42 -20.35 -16.14
CA TRP A 92 9.11 -19.69 -15.05
C TRP A 92 10.14 -18.68 -15.52
N GLY A 93 9.84 -17.38 -15.33
CA GLY A 93 10.73 -16.28 -15.67
C GLY A 93 11.89 -16.10 -14.68
N GLY A 94 12.88 -15.30 -15.09
CA GLY A 94 13.98 -14.86 -14.26
C GLY A 94 14.94 -15.92 -13.87
N GLU A 95 15.67 -15.69 -12.79
CA GLU A 95 16.66 -16.62 -12.36
C GLU A 95 16.52 -16.84 -10.85
N PRO A 96 16.00 -17.99 -10.46
CA PRO A 96 15.94 -18.23 -9.04
C PRO A 96 17.34 -18.48 -8.44
N VAL A 97 17.48 -18.26 -7.14
CA VAL A 97 18.78 -18.38 -6.48
C VAL A 97 19.51 -19.75 -6.71
N TRP A 98 18.79 -20.89 -6.67
CA TRP A 98 19.41 -22.20 -6.90
C TRP A 98 20.07 -22.33 -8.30
N VAL A 99 19.51 -21.68 -9.32
CA VAL A 99 20.18 -21.61 -10.64
C VAL A 99 21.50 -20.85 -10.56
N GLY A 100 21.47 -19.70 -9.90
CA GLY A 100 22.65 -18.90 -9.70
C GLY A 100 23.73 -19.66 -8.95
N VAL A 101 23.33 -20.35 -7.89
CA VAL A 101 24.25 -21.18 -7.09
C VAL A 101 24.89 -22.27 -7.95
N GLU A 102 24.08 -22.94 -8.77
CA GLU A 102 24.57 -24.04 -9.61
C GLU A 102 25.52 -23.48 -10.67
N ASN A 103 25.15 -22.33 -11.27
CA ASN A 103 25.99 -21.65 -12.27
C ASN A 103 27.30 -21.13 -11.73
N THR A 104 27.46 -21.01 -10.42
CA THR A 104 28.82 -20.76 -9.89
C THR A 104 29.62 -22.04 -9.72
N GLY A 105 29.07 -23.21 -10.06
CA GLY A 105 29.71 -24.45 -9.70
C GLY A 105 29.57 -24.85 -8.24
N GLN A 106 28.62 -24.26 -7.50
CA GLN A 106 28.30 -24.74 -6.13
C GLN A 106 26.98 -25.50 -6.22
N HIS A 107 26.49 -26.05 -5.11
CA HIS A 107 25.32 -26.91 -5.18
C HIS A 107 24.20 -26.46 -4.28
N ALA A 108 23.00 -26.61 -4.85
CA ALA A 108 21.73 -26.29 -4.21
C ALA A 108 20.93 -27.58 -3.99
N ALA A 109 20.36 -27.73 -2.80
CA ALA A 109 19.44 -28.83 -2.50
C ALA A 109 18.07 -28.26 -2.08
N THR A 110 16.98 -28.61 -2.80
CA THR A 110 15.62 -28.07 -2.53
C THR A 110 14.61 -29.14 -2.06
N TRP A 111 14.10 -29.00 -0.85
CA TRP A 111 12.89 -29.75 -0.46
C TRP A 111 11.61 -29.04 -0.94
N SER A 112 11.15 -29.36 -2.11
CA SER A 112 9.85 -28.91 -2.61
C SER A 112 9.58 -27.40 -2.68
N TRP A 113 10.52 -26.58 -3.14
CA TRP A 113 10.25 -25.14 -3.40
C TRP A 113 9.61 -24.99 -4.76
N PRO A 114 8.47 -24.22 -4.87
CA PRO A 114 7.84 -24.02 -6.18
C PRO A 114 8.84 -23.55 -7.24
N GLY A 115 8.87 -24.27 -8.35
CA GLY A 115 9.80 -24.04 -9.46
C GLY A 115 10.99 -24.97 -9.46
N SER A 116 11.29 -25.59 -8.31
CA SER A 116 12.55 -26.43 -8.19
C SER A 116 12.47 -27.81 -8.88
N GLU A 117 11.25 -28.14 -9.34
CA GLU A 117 10.98 -29.31 -10.16
C GLU A 117 11.23 -29.05 -11.64
N ALA A 118 11.57 -27.84 -12.05
CA ALA A 118 11.75 -27.54 -13.49
C ALA A 118 13.21 -27.27 -13.74
N ALA A 119 13.59 -27.20 -15.00
CA ALA A 119 14.99 -26.93 -15.40
C ALA A 119 15.05 -25.51 -15.87
N ILE A 120 14.97 -24.60 -14.91
CA ILE A 120 14.75 -23.18 -15.22
C ILE A 120 16.06 -22.63 -15.77
N LYS A 121 15.99 -21.92 -16.88
CA LYS A 121 17.16 -21.56 -17.65
C LYS A 121 18.09 -22.77 -17.86
N GLY A 122 17.48 -23.94 -18.01
CA GLY A 122 18.19 -25.19 -18.22
C GLY A 122 18.88 -25.80 -17.03
N VAL A 123 18.66 -25.28 -15.83
CA VAL A 123 19.47 -25.67 -14.67
C VAL A 123 18.57 -26.15 -13.54
N ARG A 124 18.85 -27.34 -13.04
CA ARG A 124 18.17 -27.87 -11.89
C ARG A 124 19.03 -27.73 -10.66
N PRO A 125 18.39 -27.73 -9.48
CA PRO A 125 19.19 -28.02 -8.30
C PRO A 125 19.85 -29.44 -8.35
N SER A 126 20.94 -29.62 -7.61
CA SER A 126 21.57 -30.92 -7.45
C SER A 126 20.68 -31.93 -6.74
N GLN A 127 19.99 -31.50 -5.71
CA GLN A 127 18.99 -32.34 -5.02
C GLN A 127 17.63 -31.64 -5.02
N TRP A 128 16.58 -32.42 -5.27
CA TRP A 128 15.19 -31.93 -5.34
C TRP A 128 14.16 -33.09 -5.34
N ARG A 129 12.89 -32.75 -5.28
CA ARG A 129 11.80 -33.72 -5.43
C ARG A 129 10.51 -33.09 -5.89
N HIS A 130 9.68 -33.93 -6.51
CA HIS A 130 8.31 -33.57 -6.84
C HIS A 130 7.58 -33.45 -5.51
N TYR A 131 6.68 -32.48 -5.41
CA TYR A 131 5.92 -32.28 -4.19
C TYR A 131 5.04 -33.51 -3.90
N GLN A 132 5.11 -34.03 -2.68
CA GLN A 132 4.24 -35.10 -2.22
C GLN A 132 3.54 -34.64 -0.94
N LYS A 133 2.21 -34.70 -0.96
CA LYS A 133 1.38 -34.46 0.23
C LYS A 133 1.75 -35.49 1.28
N GLY A 134 1.57 -35.12 2.53
CA GLY A 134 1.73 -36.05 3.63
C GLY A 134 3.14 -36.55 3.95
N VAL A 135 4.19 -35.85 3.52
CA VAL A 135 5.55 -36.27 3.96
C VAL A 135 5.76 -35.82 5.40
N ARG A 136 6.39 -36.68 6.18
CA ARG A 136 6.51 -36.42 7.61
C ARG A 136 7.50 -35.28 7.91
N LEU A 137 7.32 -34.68 9.09
CA LEU A 137 8.09 -33.52 9.50
C LEU A 137 9.55 -33.93 9.70
N ASP A 138 9.75 -34.94 10.57
CA ASP A 138 11.09 -35.50 10.82
C ASP A 138 11.76 -36.13 9.55
N THR A 139 10.98 -36.54 8.54
CA THR A 139 11.53 -37.04 7.26
C THR A 139 12.25 -35.88 6.57
N ARG A 140 11.50 -34.86 6.16
CA ARG A 140 12.10 -33.70 5.52
C ARG A 140 13.21 -33.01 6.37
N VAL A 141 13.02 -32.98 7.70
CA VAL A 141 14.02 -32.35 8.57
C VAL A 141 15.36 -33.09 8.56
N ASP A 142 15.31 -34.42 8.40
CA ASP A 142 16.50 -35.24 8.41
C ASP A 142 17.18 -35.15 7.05
N ALA A 143 16.38 -35.11 5.97
CA ALA A 143 16.96 -34.94 4.63
C ALA A 143 17.78 -33.67 4.50
N VAL A 144 17.16 -32.59 4.96
CA VAL A 144 17.78 -31.27 4.95
C VAL A 144 19.05 -31.32 5.83
N ARG A 145 18.92 -31.92 7.01
CA ARG A 145 20.07 -32.11 7.93
C ARG A 145 21.28 -32.73 7.24
N GLY A 146 20.99 -33.77 6.46
CA GLY A 146 21.99 -34.49 5.68
C GLY A 146 22.54 -33.70 4.52
N TRP A 147 21.69 -33.00 3.78
CA TRP A 147 22.17 -32.14 2.70
C TRP A 147 23.13 -31.06 3.18
N LEU A 148 22.87 -30.53 4.39
CA LEU A 148 23.79 -29.55 5.03
C LEU A 148 25.12 -30.16 5.53
N ALA A 149 25.07 -31.43 5.94
CA ALA A 149 26.27 -32.13 6.45
C ALA A 149 27.19 -32.61 5.34
N THR A 150 26.65 -32.72 4.12
CA THR A 150 27.38 -33.19 2.94
C THR A 150 28.70 -32.49 2.74
N ASP A 151 29.74 -33.28 2.60
CA ASP A 151 31.12 -32.79 2.51
C ASP A 151 31.65 -32.90 1.09
N GLY A 152 32.88 -32.46 0.89
CA GLY A 152 33.58 -32.64 -0.37
C GLY A 152 32.99 -31.80 -1.49
N ALA A 153 33.04 -32.33 -2.71
CA ALA A 153 32.49 -31.67 -3.89
C ALA A 153 30.97 -31.72 -3.95
N GLN A 154 30.32 -32.62 -3.20
CA GLN A 154 28.85 -32.65 -3.08
C GLN A 154 28.28 -31.60 -2.10
N ARG A 155 29.15 -30.92 -1.34
CA ARG A 155 28.80 -29.80 -0.42
C ARG A 155 27.71 -28.87 -1.02
N ASN A 156 26.66 -28.60 -0.22
CA ASN A 156 25.61 -27.67 -0.65
C ASN A 156 25.79 -26.29 -0.04
N ARG A 157 25.98 -25.30 -0.91
CA ARG A 157 25.96 -23.88 -0.50
C ARG A 157 24.54 -23.37 -0.13
N LEU A 158 23.51 -23.86 -0.84
CA LEU A 158 22.10 -23.55 -0.62
C LEU A 158 21.30 -24.83 -0.30
N VAL A 159 20.52 -24.78 0.79
CA VAL A 159 19.52 -25.80 1.09
C VAL A 159 18.20 -25.08 1.35
N THR A 160 17.11 -25.49 0.68
CA THR A 160 15.76 -24.95 0.95
C THR A 160 14.80 -26.01 1.58
N LEU A 161 13.89 -25.54 2.40
CA LEU A 161 12.98 -26.40 3.13
C LEU A 161 11.57 -25.75 3.13
N TYR A 162 10.54 -26.51 2.76
CA TYR A 162 9.15 -26.03 2.69
C TYR A 162 8.28 -26.83 3.68
N PHE A 163 7.40 -26.14 4.42
CA PHE A 163 6.31 -26.78 5.21
C PHE A 163 4.95 -26.26 4.76
N GLU A 164 4.00 -27.17 4.52
CA GLU A 164 2.61 -26.85 4.11
C GLU A 164 1.61 -26.88 5.30
N HIS A 165 2.07 -27.26 6.47
CA HIS A 165 1.16 -27.74 7.51
C HIS A 165 0.28 -26.63 8.08
N VAL A 166 0.91 -25.47 8.28
CA VAL A 166 0.28 -24.30 8.83
C VAL A 166 -0.79 -23.80 7.85
N ASP A 167 -0.44 -23.71 6.57
CA ASP A 167 -1.36 -23.28 5.58
C ASP A 167 -2.59 -24.20 5.44
N GLU A 168 -2.38 -25.51 5.47
CA GLU A 168 -3.45 -26.49 5.39
C GLU A 168 -4.44 -26.38 6.59
N ALA A 169 -3.91 -26.30 7.80
CA ALA A 169 -4.77 -26.15 9.01
C ALA A 169 -5.56 -24.82 8.97
N GLY A 170 -4.90 -23.76 8.51
CA GLY A 170 -5.50 -22.45 8.37
C GLY A 170 -6.60 -22.39 7.33
N ALA A 171 -6.34 -22.98 6.18
CA ALA A 171 -7.38 -23.14 5.17
C ALA A 171 -8.61 -23.88 5.76
N ASP A 172 -8.38 -24.96 6.48
CA ASP A 172 -9.48 -25.78 7.04
C ASP A 172 -10.23 -25.12 8.20
N HIS A 173 -9.54 -24.45 9.11
CA HIS A 173 -10.20 -23.98 10.33
C HIS A 173 -10.02 -22.50 10.64
N GLY A 174 -9.31 -21.76 9.78
CA GLY A 174 -8.98 -20.38 10.04
C GLY A 174 -7.75 -20.17 10.91
N PRO A 175 -7.18 -18.96 10.88
CA PRO A 175 -5.92 -18.62 11.53
C PRO A 175 -6.01 -18.35 12.99
N GLU A 176 -7.22 -18.22 13.51
CA GLU A 176 -7.39 -18.08 14.98
C GLU A 176 -7.78 -19.37 15.66
N SER A 177 -7.82 -20.44 14.89
CA SER A 177 -8.20 -21.74 15.37
C SER A 177 -7.08 -22.41 16.15
N ARG A 178 -7.50 -23.41 16.94
CA ARG A 178 -6.54 -24.24 17.67
C ARG A 178 -5.77 -25.16 16.72
N GLN A 179 -6.37 -25.54 15.60
CA GLN A 179 -5.66 -26.37 14.61
C GLN A 179 -4.51 -25.60 13.97
N TYR A 180 -4.74 -24.34 13.63
CA TYR A 180 -3.70 -23.42 13.13
C TYR A 180 -2.59 -23.26 14.17
N ALA A 181 -2.95 -23.03 15.43
CA ALA A 181 -1.93 -22.92 16.48
C ALA A 181 -1.07 -24.19 16.66
N ASP A 182 -1.71 -25.37 16.68
CA ASP A 182 -1.07 -26.70 16.75
C ASP A 182 -0.11 -26.92 15.56
N ALA A 183 -0.56 -26.61 14.36
CA ALA A 183 0.32 -26.74 13.19
C ALA A 183 1.56 -25.84 13.32
N VAL A 184 1.36 -24.59 13.77
CA VAL A 184 2.47 -23.71 14.07
C VAL A 184 3.47 -24.31 15.08
N ARG A 185 2.97 -24.80 16.24
CA ARG A 185 3.82 -25.43 17.27
C ARG A 185 4.58 -26.58 16.69
N ALA A 186 3.89 -27.40 15.89
CA ALA A 186 4.49 -28.55 15.35
C ALA A 186 5.61 -28.20 14.37
N VAL A 187 5.38 -27.23 13.49
CA VAL A 187 6.45 -26.81 12.54
C VAL A 187 7.59 -26.13 13.32
N ASP A 188 7.25 -25.33 14.31
CA ASP A 188 8.26 -24.74 15.15
C ASP A 188 9.16 -25.80 15.84
N ALA A 189 8.52 -26.80 16.46
CA ALA A 189 9.25 -27.93 17.10
C ALA A 189 10.14 -28.69 16.09
N ALA A 190 9.63 -28.90 14.90
CA ALA A 190 10.40 -29.49 13.80
C ALA A 190 11.66 -28.72 13.49
N ILE A 191 11.56 -27.40 13.48
CA ILE A 191 12.71 -26.54 13.21
C ILE A 191 13.69 -26.58 14.38
N GLY A 192 13.17 -26.67 15.60
CA GLY A 192 14.00 -26.84 16.78
C GLY A 192 14.85 -28.11 16.69
N ARG A 193 14.23 -29.21 16.27
CA ARG A 193 14.95 -30.48 16.09
C ARG A 193 15.97 -30.34 14.97
N LEU A 194 15.61 -29.66 13.89
CA LEU A 194 16.57 -29.40 12.81
C LEU A 194 17.82 -28.67 13.37
N LEU A 195 17.60 -27.63 14.18
CA LEU A 195 18.69 -26.80 14.67
C LEU A 195 19.59 -27.58 15.64
N ALA A 196 18.94 -28.35 16.51
CA ALA A 196 19.63 -29.20 17.47
C ALA A 196 20.49 -30.19 16.70
N GLY A 197 19.93 -30.76 15.65
CA GLY A 197 20.61 -31.73 14.82
C GLY A 197 21.85 -31.12 14.19
N MET A 198 21.69 -29.93 13.65
CA MET A 198 22.81 -29.20 13.03
C MET A 198 23.91 -28.94 14.07
N GLN A 199 23.52 -28.67 15.31
CA GLN A 199 24.46 -28.47 16.43
C GLN A 199 25.29 -29.75 16.65
N ARG A 200 24.62 -30.90 16.67
CA ARG A 200 25.26 -32.21 16.76
C ARG A 200 26.13 -32.58 15.51
N ASP A 201 25.74 -32.15 14.30
CA ASP A 201 26.56 -32.39 13.06
C ASP A 201 27.72 -31.42 12.94
N GLY A 202 27.76 -30.45 13.85
CA GLY A 202 28.65 -29.31 13.75
C GLY A 202 28.46 -28.42 12.53
N THR A 203 27.26 -28.41 11.93
CA THR A 203 26.93 -27.57 10.74
C THR A 203 26.24 -26.23 11.05
N ARG A 204 25.74 -26.09 12.29
CA ARG A 204 24.96 -24.94 12.72
C ARG A 204 25.72 -23.62 12.64
N ALA A 205 26.91 -23.62 13.22
CA ALA A 205 27.70 -22.42 13.32
C ALA A 205 28.18 -21.87 11.97
N ARG A 206 28.32 -22.70 10.94
CA ARG A 206 28.70 -22.20 9.57
C ARG A 206 27.52 -22.01 8.61
N THR A 207 26.30 -22.01 9.16
CA THR A 207 25.10 -21.93 8.34
C THR A 207 24.24 -20.70 8.69
N ASN A 208 24.09 -19.84 7.70
CA ASN A 208 23.09 -18.75 7.76
C ASN A 208 21.69 -19.32 7.47
N ILE A 209 20.69 -18.79 8.14
CA ILE A 209 19.32 -19.30 8.08
C ILE A 209 18.36 -18.10 7.85
N ILE A 210 17.47 -18.24 6.88
CA ILE A 210 16.39 -17.29 6.62
C ILE A 210 15.11 -18.09 6.74
N VAL A 211 14.17 -17.58 7.51
CA VAL A 211 12.85 -18.20 7.63
C VAL A 211 11.86 -17.16 7.17
N VAL A 212 11.04 -17.53 6.19
CA VAL A 212 10.02 -16.65 5.61
C VAL A 212 8.72 -17.43 5.54
N SER A 213 7.62 -16.74 5.32
CA SER A 213 6.41 -17.32 4.75
C SER A 213 6.05 -16.59 3.49
N ASP A 214 5.08 -17.12 2.77
CA ASP A 214 4.67 -16.58 1.46
C ASP A 214 3.61 -15.49 1.55
N HIS A 215 2.71 -15.64 2.54
CA HIS A 215 1.66 -14.72 2.80
C HIS A 215 1.08 -15.12 4.20
N GLY A 216 0.16 -14.34 4.71
CA GLY A 216 -0.52 -14.66 5.98
C GLY A 216 -1.85 -15.32 5.68
N MET A 217 -2.82 -15.07 6.54
CA MET A 217 -4.08 -15.79 6.48
C MET A 217 -5.19 -14.92 7.09
N ALA A 218 -6.33 -14.88 6.42
CA ALA A 218 -7.51 -14.20 6.92
C ALA A 218 -8.59 -15.23 7.23
N GLU A 219 -9.38 -14.95 8.23
CA GLU A 219 -10.51 -15.80 8.61
C GLU A 219 -11.67 -15.60 7.59
N VAL A 220 -12.25 -16.71 7.15
CA VAL A 220 -13.42 -16.75 6.26
C VAL A 220 -14.56 -17.42 7.10
N ALA A 221 -15.45 -16.59 7.60
CA ALA A 221 -16.54 -17.05 8.46
C ALA A 221 -17.65 -17.67 7.58
N PRO A 222 -18.46 -18.56 8.14
CA PRO A 222 -19.58 -19.13 7.43
C PRO A 222 -20.42 -18.10 6.65
N GLY A 223 -20.91 -18.46 5.47
CA GLY A 223 -21.67 -17.53 4.64
C GLY A 223 -20.87 -16.49 3.85
N HIS A 224 -19.53 -16.53 3.94
CA HIS A 224 -18.71 -15.55 3.23
C HIS A 224 -18.20 -16.13 1.88
N ALA A 225 -19.02 -16.93 1.22
CA ALA A 225 -18.67 -17.51 -0.08
C ALA A 225 -19.79 -17.20 -1.09
N ILE A 226 -19.45 -16.60 -2.22
CA ILE A 226 -20.34 -16.41 -3.35
C ILE A 226 -19.87 -17.28 -4.55
N SER A 227 -20.69 -17.34 -5.59
CA SER A 227 -20.31 -18.05 -6.78
C SER A 227 -19.63 -17.09 -7.72
N VAL A 228 -18.63 -17.55 -8.46
CA VAL A 228 -18.02 -16.70 -9.49
C VAL A 228 -19.01 -16.22 -10.50
N GLU A 229 -20.07 -16.99 -10.67
CA GLU A 229 -21.14 -16.68 -11.61
C GLU A 229 -22.07 -15.60 -11.14
N ASP A 230 -22.08 -15.32 -9.83
CA ASP A 230 -22.67 -14.08 -9.29
C ASP A 230 -21.90 -12.83 -9.75
N ILE A 231 -20.60 -12.95 -10.02
CA ILE A 231 -19.80 -11.84 -10.52
C ILE A 231 -20.10 -11.62 -11.99
N ALA A 232 -19.94 -12.66 -12.79
CA ALA A 232 -20.28 -12.63 -14.19
C ALA A 232 -20.86 -13.97 -14.60
N PRO A 233 -22.11 -13.98 -15.12
CA PRO A 233 -22.67 -15.26 -15.50
C PRO A 233 -22.01 -15.83 -16.76
N PRO A 234 -22.17 -17.14 -16.96
CA PRO A 234 -21.45 -17.84 -18.00
C PRO A 234 -21.92 -17.43 -19.40
N GLN A 235 -23.14 -16.89 -19.50
CA GLN A 235 -23.62 -16.21 -20.71
C GLN A 235 -22.67 -15.12 -21.23
N ILE A 236 -21.94 -14.43 -20.34
CA ILE A 236 -21.11 -13.27 -20.74
C ILE A 236 -19.59 -13.42 -20.59
N ALA A 237 -19.14 -14.25 -19.65
CA ALA A 237 -17.69 -14.44 -19.46
C ALA A 237 -17.32 -15.79 -18.83
N THR A 238 -16.06 -16.18 -19.03
CA THR A 238 -15.55 -17.42 -18.47
C THR A 238 -14.65 -17.06 -17.29
N ALA A 239 -14.92 -17.65 -16.14
CA ALA A 239 -14.09 -17.53 -14.97
C ALA A 239 -12.86 -18.39 -15.13
N ILE A 240 -11.67 -17.80 -15.17
CA ILE A 240 -10.46 -18.57 -15.32
C ILE A 240 -9.95 -19.09 -13.98
N THR A 241 -10.05 -18.28 -12.92
CA THR A 241 -9.64 -18.69 -11.59
C THR A 241 -10.83 -18.45 -10.63
N ASP A 242 -10.89 -19.20 -9.53
CA ASP A 242 -11.81 -18.85 -8.44
C ASP A 242 -10.97 -18.53 -7.18
N GLY A 243 -11.62 -18.45 -6.01
CA GLY A 243 -10.94 -18.18 -4.77
C GLY A 243 -11.12 -16.70 -4.40
N GLN A 244 -10.03 -15.91 -4.53
CA GLN A 244 -9.99 -14.49 -4.16
C GLN A 244 -9.56 -13.54 -5.28
N VAL A 245 -8.66 -14.00 -6.15
CA VAL A 245 -8.29 -13.25 -7.35
C VAL A 245 -8.97 -13.98 -8.53
N ILE A 246 -10.03 -13.36 -9.04
CA ILE A 246 -10.96 -14.00 -9.92
C ILE A 246 -10.72 -13.36 -11.29
N GLY A 247 -10.16 -14.14 -12.21
CA GLY A 247 -9.87 -13.67 -13.59
C GLY A 247 -11.01 -14.07 -14.55
N PHE A 248 -11.51 -13.13 -15.33
CA PHE A 248 -12.54 -13.41 -16.32
C PHE A 248 -12.07 -13.07 -17.73
N GLU A 249 -12.49 -13.89 -18.68
CA GLU A 249 -12.28 -13.64 -20.08
C GLU A 249 -13.71 -13.49 -20.70
N PRO A 250 -14.06 -12.29 -21.18
CA PRO A 250 -15.43 -12.16 -21.71
C PRO A 250 -15.62 -13.04 -22.91
N LEU A 251 -16.86 -13.46 -23.13
CA LEU A 251 -17.20 -14.21 -24.35
C LEU A 251 -17.12 -13.27 -25.53
N PRO A 252 -16.70 -13.81 -26.69
CA PRO A 252 -16.73 -13.04 -27.95
C PRO A 252 -18.08 -12.34 -28.24
N GLY A 253 -18.02 -11.05 -28.54
CA GLY A 253 -19.22 -10.21 -28.71
C GLY A 253 -20.00 -9.95 -27.43
N GLN A 254 -19.32 -10.03 -26.27
CA GLN A 254 -19.91 -9.72 -24.93
C GLN A 254 -19.05 -8.75 -24.04
N GLN A 255 -18.08 -8.07 -24.63
CA GLN A 255 -17.40 -6.96 -23.95
C GLN A 255 -18.25 -6.05 -23.14
N ALA A 256 -19.31 -5.54 -23.77
CA ALA A 256 -20.12 -4.50 -23.21
C ALA A 256 -20.88 -5.02 -22.01
N ALA A 257 -21.41 -6.25 -22.12
CA ALA A 257 -22.14 -6.85 -21.01
C ALA A 257 -21.18 -7.13 -19.86
N ALA A 258 -20.01 -7.66 -20.22
CA ALA A 258 -18.98 -7.98 -19.26
C ALA A 258 -18.54 -6.73 -18.54
N GLU A 259 -18.16 -5.72 -19.28
CA GLU A 259 -17.70 -4.49 -18.67
C GLU A 259 -18.80 -3.72 -17.89
N ALA A 260 -20.03 -3.68 -18.39
CA ALA A 260 -21.13 -2.99 -17.70
C ALA A 260 -21.57 -3.66 -16.39
N SER A 261 -21.46 -4.98 -16.31
CA SER A 261 -21.88 -5.74 -15.14
C SER A 261 -20.73 -6.09 -14.19
N VAL A 262 -19.51 -6.18 -14.70
CA VAL A 262 -18.36 -6.63 -13.91
C VAL A 262 -17.51 -5.50 -13.40
N LEU A 263 -17.08 -4.60 -14.27
CA LEU A 263 -16.15 -3.52 -13.83
C LEU A 263 -16.67 -2.69 -12.67
N GLY A 264 -15.78 -2.32 -11.75
CA GLY A 264 -16.09 -1.36 -10.73
C GLY A 264 -16.34 -2.02 -9.42
N ALA A 265 -17.14 -1.40 -8.57
CA ALA A 265 -17.31 -1.78 -7.19
C ALA A 265 -18.61 -2.50 -6.96
N HIS A 266 -18.58 -3.54 -6.13
CA HIS A 266 -19.74 -4.35 -5.84
C HIS A 266 -19.76 -4.67 -4.36
N ASP A 267 -20.71 -5.49 -3.91
CA ASP A 267 -20.91 -5.70 -2.47
C ASP A 267 -19.65 -6.17 -1.74
N HIS A 268 -19.01 -7.22 -2.23
CA HIS A 268 -17.80 -7.75 -1.58
C HIS A 268 -16.58 -8.00 -2.49
N TYR A 269 -16.49 -7.24 -3.54
CA TYR A 269 -15.36 -7.32 -4.45
C TYR A 269 -15.37 -6.10 -5.35
N ASP A 270 -14.27 -5.96 -6.09
CA ASP A 270 -14.11 -4.85 -7.05
C ASP A 270 -13.44 -5.49 -8.25
N CYS A 271 -13.69 -4.95 -9.43
CA CYS A 271 -13.09 -5.49 -10.64
C CYS A 271 -12.55 -4.39 -11.54
N TRP A 272 -11.49 -4.74 -12.28
CA TRP A 272 -10.75 -3.83 -13.18
C TRP A 272 -10.34 -4.55 -14.46
N ARG A 273 -10.23 -3.80 -15.55
CA ARG A 273 -9.51 -4.30 -16.70
C ARG A 273 -8.09 -4.47 -16.22
N LYS A 274 -7.42 -5.51 -16.66
CA LYS A 274 -6.09 -5.79 -16.10
C LYS A 274 -5.12 -4.62 -16.22
N ALA A 275 -5.22 -3.83 -17.29
CA ALA A 275 -4.26 -2.72 -17.50
C ALA A 275 -4.54 -1.55 -16.56
N GLU A 276 -5.73 -1.50 -15.97
CA GLU A 276 -6.14 -0.45 -15.10
C GLU A 276 -6.19 -0.83 -13.64
N LEU A 277 -5.44 -1.84 -13.26
CA LEU A 277 -5.44 -2.28 -11.84
C LEU A 277 -4.66 -1.29 -10.99
N PRO A 278 -5.01 -1.13 -9.69
CA PRO A 278 -4.28 -0.24 -8.77
C PRO A 278 -2.78 -0.31 -8.95
N ALA A 279 -2.14 0.84 -9.18
CA ALA A 279 -0.72 0.89 -9.48
C ALA A 279 0.12 0.21 -8.42
N ARG A 280 -0.23 0.29 -7.13
CA ARG A 280 0.67 -0.28 -6.14
C ARG A 280 0.73 -1.81 -6.15
N TRP A 281 -0.24 -2.45 -6.78
CA TRP A 281 -0.17 -3.91 -6.99
C TRP A 281 0.86 -4.37 -8.01
N GLN A 282 1.32 -3.43 -8.84
CA GLN A 282 2.32 -3.77 -9.86
C GLN A 282 2.03 -5.08 -10.61
N TYR A 283 0.81 -5.15 -11.15
CA TYR A 283 0.24 -6.36 -11.72
C TYR A 283 -0.73 -5.94 -12.81
N GLY A 284 -0.76 -6.71 -13.88
CA GLY A 284 -1.70 -6.51 -14.96
C GLY A 284 -1.11 -6.35 -16.34
N SER A 285 0.23 -6.26 -16.45
CA SER A 285 0.91 -6.13 -17.74
C SER A 285 1.21 -7.48 -18.42
N HIS A 286 1.32 -8.56 -17.64
CA HIS A 286 1.65 -9.86 -18.21
C HIS A 286 0.48 -10.41 -19.07
N PRO A 287 0.77 -10.91 -20.28
CA PRO A 287 -0.25 -11.48 -21.18
C PRO A 287 -1.03 -12.66 -20.66
N ARG A 288 -0.45 -13.44 -19.76
CA ARG A 288 -1.13 -14.56 -19.11
C ARG A 288 -2.23 -14.10 -18.15
N ILE A 289 -2.25 -12.82 -17.76
CA ILE A 289 -3.29 -12.33 -16.87
C ILE A 289 -4.60 -12.17 -17.68
N PRO A 290 -5.76 -12.74 -17.20
CA PRO A 290 -7.04 -12.55 -17.89
C PRO A 290 -7.34 -11.10 -18.04
N SER A 291 -8.15 -10.78 -19.04
CA SER A 291 -8.41 -9.39 -19.36
C SER A 291 -9.12 -8.64 -18.22
N LEU A 292 -9.95 -9.32 -17.44
CA LEU A 292 -10.69 -8.74 -16.30
C LEU A 292 -10.29 -9.41 -14.96
N VAL A 293 -9.86 -8.64 -13.97
CA VAL A 293 -9.40 -9.16 -12.74
C VAL A 293 -10.21 -8.54 -11.64
N CYS A 294 -10.82 -9.40 -10.81
CA CYS A 294 -11.59 -9.00 -9.64
C CYS A 294 -10.89 -9.43 -8.37
N GLN A 295 -10.94 -8.55 -7.37
CA GLN A 295 -10.39 -8.84 -6.09
C GLN A 295 -11.53 -8.88 -5.06
N MET A 296 -11.63 -10.01 -4.38
CA MET A 296 -12.60 -10.20 -3.34
C MET A 296 -12.14 -9.45 -2.11
N HIS A 297 -13.08 -8.85 -1.40
CA HIS A 297 -12.76 -8.21 -0.11
C HIS A 297 -12.31 -9.25 0.91
N GLU A 298 -11.53 -8.80 1.88
CA GLU A 298 -10.96 -9.68 2.92
C GLU A 298 -12.07 -10.48 3.56
N GLY A 299 -11.80 -11.76 3.82
CA GLY A 299 -12.78 -12.71 4.43
C GLY A 299 -13.87 -13.24 3.55
N TRP A 300 -13.78 -12.97 2.23
CA TRP A 300 -14.75 -13.46 1.25
C TRP A 300 -14.09 -14.30 0.12
N ASP A 301 -14.83 -15.30 -0.35
CA ASP A 301 -14.40 -16.20 -1.41
C ASP A 301 -15.47 -16.14 -2.51
N ALA A 302 -15.03 -16.19 -3.77
CA ALA A 302 -15.93 -16.49 -4.88
C ALA A 302 -15.49 -17.84 -5.43
N LEU A 303 -16.42 -18.81 -5.49
CA LEU A 303 -16.09 -20.20 -5.89
C LEU A 303 -16.79 -20.64 -7.13
N PHE A 304 -16.16 -21.57 -7.87
CA PHE A 304 -16.84 -22.25 -8.99
C PHE A 304 -18.14 -22.85 -8.39
N PRO A 305 -19.24 -22.82 -9.16
CA PRO A 305 -20.55 -23.18 -8.54
C PRO A 305 -20.61 -24.64 -8.01
N ASP A 306 -19.90 -25.58 -8.63
CA ASP A 306 -19.81 -26.97 -8.10
C ASP A 306 -19.14 -27.06 -6.72
N LYS A 307 -18.11 -26.25 -6.46
CA LYS A 307 -17.48 -26.17 -5.14
C LYS A 307 -18.42 -25.57 -4.15
N LEU A 308 -19.14 -24.57 -4.62
CA LEU A 308 -19.98 -23.82 -3.71
C LEU A 308 -21.04 -24.70 -3.06
N ALA A 309 -21.72 -25.51 -3.87
CA ALA A 309 -22.64 -26.55 -3.35
C ALA A 309 -21.92 -27.53 -2.38
N LYS A 310 -20.75 -28.05 -2.80
CA LYS A 310 -20.02 -29.14 -2.06
C LYS A 310 -19.62 -28.76 -0.63
N ARG A 311 -19.00 -27.59 -0.50
CA ARG A 311 -18.41 -27.12 0.76
C ARG A 311 -19.50 -26.71 1.76
N ALA A 312 -20.25 -25.65 1.42
CA ALA A 312 -21.31 -24.95 2.22
C ALA A 312 -21.84 -25.61 3.51
N GLN A 313 -20.97 -26.25 4.27
CA GLN A 313 -21.35 -27.09 5.40
C GLN A 313 -21.67 -26.22 6.59
N ARG A 314 -20.70 -25.36 6.90
CA ARG A 314 -20.57 -24.62 8.16
C ARG A 314 -19.05 -24.61 8.32
N GLY A 315 -18.56 -24.23 9.49
CA GLY A 315 -17.13 -24.16 9.80
C GLY A 315 -16.44 -22.85 9.40
N THR A 316 -15.85 -22.13 10.36
CA THR A 316 -14.89 -21.08 10.04
C THR A 316 -13.75 -21.70 9.23
N ARG A 317 -13.30 -20.98 8.22
CA ARG A 317 -12.22 -21.44 7.35
C ARG A 317 -11.19 -20.32 7.21
N GLY A 318 -10.21 -20.50 6.34
CA GLY A 318 -9.20 -19.47 6.15
C GLY A 318 -8.78 -19.34 4.71
N SER A 319 -8.36 -18.14 4.33
CA SER A 319 -7.97 -17.83 2.91
C SER A 319 -6.88 -16.79 2.96
N HIS A 320 -6.10 -16.79 1.91
CA HIS A 320 -5.17 -15.75 1.63
C HIS A 320 -5.62 -15.22 0.28
N GLY A 321 -4.72 -14.63 -0.52
CA GLY A 321 -5.16 -13.98 -1.79
C GLY A 321 -5.80 -12.61 -1.73
N TYR A 322 -5.84 -11.99 -0.54
CA TYR A 322 -6.35 -10.64 -0.40
C TYR A 322 -5.28 -9.56 -0.61
N ASP A 323 -5.72 -8.30 -0.76
CA ASP A 323 -4.84 -7.14 -0.87
C ASP A 323 -3.60 -7.28 0.03
N PRO A 324 -2.39 -7.30 -0.57
CA PRO A 324 -1.15 -7.51 0.20
C PRO A 324 -0.78 -6.43 1.21
N ALA A 325 -1.45 -5.27 1.18
CA ALA A 325 -1.32 -4.28 2.26
C ALA A 325 -2.13 -4.61 3.52
N LEU A 326 -3.02 -5.61 3.47
CA LEU A 326 -3.79 -6.00 4.67
C LEU A 326 -2.92 -6.61 5.77
N PRO A 327 -3.11 -6.16 7.01
CA PRO A 327 -2.39 -6.82 8.12
C PRO A 327 -2.50 -8.33 8.11
N SER A 328 -3.68 -8.85 7.79
CA SER A 328 -3.90 -10.31 7.71
C SER A 328 -3.01 -11.04 6.67
N MET A 329 -2.62 -10.34 5.60
CA MET A 329 -1.78 -10.93 4.59
C MET A 329 -0.28 -10.90 4.91
N ARG A 330 0.12 -10.26 5.99
CA ARG A 330 1.53 -10.14 6.33
C ARG A 330 2.22 -11.48 6.61
N ALA A 331 3.37 -11.63 5.95
CA ALA A 331 4.27 -12.77 6.10
C ALA A 331 5.39 -12.50 7.12
N VAL A 332 6.18 -13.55 7.43
CA VAL A 332 7.29 -13.43 8.37
C VAL A 332 8.59 -13.25 7.59
N PHE A 333 9.54 -12.55 8.21
CA PHE A 333 10.95 -12.61 7.81
C PHE A 333 11.80 -12.58 9.06
N LEU A 334 12.62 -13.61 9.19
CA LEU A 334 13.67 -13.60 10.20
C LEU A 334 14.91 -14.29 9.68
N ALA A 335 16.05 -14.00 10.29
CA ALA A 335 17.31 -14.51 9.82
C ALA A 335 18.34 -14.56 10.94
N GLN A 336 19.22 -15.55 10.86
CA GLN A 336 20.25 -15.71 11.87
C GLN A 336 21.38 -16.56 11.37
N GLY A 337 22.59 -16.21 11.82
CA GLY A 337 23.80 -16.96 11.50
C GLY A 337 25.06 -16.13 11.50
N PRO A 338 26.20 -16.72 11.09
CA PRO A 338 27.52 -16.02 11.21
C PRO A 338 27.65 -14.68 10.45
N ASP A 339 26.87 -14.46 9.39
CA ASP A 339 26.96 -13.23 8.61
C ASP A 339 25.77 -12.31 8.79
N LEU A 340 24.95 -12.58 9.80
CA LEU A 340 23.74 -11.81 10.03
C LEU A 340 23.85 -11.18 11.39
N ALA A 341 23.24 -10.01 11.54
CA ALA A 341 23.25 -9.24 12.80
C ALA A 341 22.55 -10.00 13.90
N GLN A 342 22.74 -9.55 15.13
CA GLN A 342 22.15 -10.21 16.26
C GLN A 342 21.32 -9.28 17.11
N GLY A 343 20.10 -9.70 17.47
CA GLY A 343 19.19 -8.90 18.28
C GLY A 343 18.67 -7.66 17.58
N LYS A 344 18.53 -7.73 16.26
CA LYS A 344 18.14 -6.57 15.47
C LYS A 344 16.70 -6.72 14.97
N THR A 345 15.97 -5.60 14.94
CA THR A 345 14.63 -5.53 14.34
C THR A 345 14.71 -4.67 13.08
N LEU A 346 13.98 -5.08 12.04
CA LEU A 346 13.89 -4.29 10.81
C LEU A 346 12.46 -3.82 10.56
N PRO A 347 12.32 -2.72 9.81
CA PRO A 347 10.95 -2.24 9.44
C PRO A 347 10.28 -3.20 8.51
N GLY A 348 8.96 -3.07 8.43
CA GLY A 348 8.14 -3.76 7.44
C GLY A 348 8.72 -3.47 6.06
N PHE A 349 8.70 -4.48 5.17
CA PHE A 349 9.21 -4.33 3.82
C PHE A 349 8.57 -5.31 2.86
N ASP A 350 8.82 -5.11 1.56
CA ASP A 350 8.25 -5.98 0.53
C ASP A 350 9.12 -7.16 0.23
N ASN A 351 8.47 -8.30 0.00
CA ASN A 351 9.18 -9.57 -0.24
C ASN A 351 10.14 -9.65 -1.46
N VAL A 352 9.96 -8.79 -2.46
CA VAL A 352 10.98 -8.64 -3.56
C VAL A 352 12.37 -8.25 -3.08
N ASP A 353 12.50 -7.77 -1.86
CA ASP A 353 13.81 -7.37 -1.33
C ASP A 353 14.66 -8.52 -0.77
N VAL A 354 14.08 -9.69 -0.57
CA VAL A 354 14.83 -10.80 0.02
C VAL A 354 15.93 -11.29 -0.93
N TYR A 355 15.62 -11.34 -2.21
CA TYR A 355 16.57 -11.84 -3.22
C TYR A 355 18.04 -11.27 -3.14
N ALA A 356 18.17 -9.96 -2.93
CA ALA A 356 19.49 -9.29 -2.92
C ALA A 356 20.29 -9.68 -1.70
N LEU A 357 19.60 -9.84 -0.57
CA LEU A 357 20.24 -10.40 0.61
C LEU A 357 20.79 -11.81 0.36
N MET A 358 19.97 -12.69 -0.20
CA MET A 358 20.36 -14.06 -0.49
C MET A 358 21.53 -14.14 -1.47
N SER A 359 21.48 -13.35 -2.55
CA SER A 359 22.59 -13.30 -3.53
C SER A 359 23.93 -13.07 -2.84
N ARG A 360 23.93 -12.11 -1.94
CA ARG A 360 25.13 -11.74 -1.24
C ARG A 360 25.54 -12.83 -0.25
N LEU A 361 24.60 -13.39 0.52
CA LEU A 361 24.94 -14.55 1.37
C LEU A 361 25.45 -15.82 0.57
N LEU A 362 25.08 -15.94 -0.69
CA LEU A 362 25.44 -17.10 -1.50
C LEU A 362 26.68 -16.88 -2.35
N GLY A 363 27.21 -15.67 -2.33
CA GLY A 363 28.28 -15.28 -3.23
C GLY A 363 27.97 -15.43 -4.71
N ILE A 364 26.75 -15.08 -5.10
CA ILE A 364 26.36 -15.07 -6.52
C ILE A 364 26.11 -13.65 -6.97
N PRO A 365 26.36 -13.35 -8.28
CA PRO A 365 25.96 -12.06 -8.78
C PRO A 365 24.45 -12.03 -8.82
N ALA A 366 23.87 -10.92 -8.37
CA ALA A 366 22.44 -10.75 -8.38
C ALA A 366 21.98 -10.53 -9.79
N ALA A 367 21.05 -11.36 -10.21
CA ALA A 367 20.32 -11.09 -11.44
C ALA A 367 19.50 -9.82 -11.33
N PRO A 368 19.09 -9.25 -12.47
CA PRO A 368 18.24 -8.04 -12.36
C PRO A 368 16.98 -8.38 -11.62
N ASN A 369 16.52 -7.51 -10.72
CA ASN A 369 15.25 -7.79 -10.01
C ASN A 369 14.47 -6.54 -9.61
N ASP A 370 13.29 -6.72 -9.04
CA ASP A 370 12.38 -5.62 -8.72
C ASP A 370 12.58 -5.11 -7.32
N GLY A 371 13.60 -5.64 -6.63
CA GLY A 371 13.81 -5.35 -5.24
C GLY A 371 14.68 -4.10 -5.09
N ASN A 372 14.70 -3.60 -3.87
CA ASN A 372 15.63 -2.59 -3.46
C ASN A 372 16.80 -3.23 -2.70
N PRO A 373 18.02 -3.15 -3.26
CA PRO A 373 19.12 -3.87 -2.60
C PRO A 373 19.58 -3.27 -1.31
N ALA A 374 19.14 -2.05 -1.02
CA ALA A 374 19.47 -1.42 0.22
C ALA A 374 18.66 -1.92 1.44
N THR A 375 17.42 -2.34 1.25
CA THR A 375 16.52 -2.60 2.41
C THR A 375 17.13 -3.58 3.43
N LEU A 376 17.72 -4.67 2.93
CA LEU A 376 18.23 -5.72 3.83
C LEU A 376 19.73 -5.71 4.08
N LEU A 377 20.43 -4.68 3.59
CA LEU A 377 21.84 -4.49 3.98
C LEU A 377 22.02 -4.41 5.50
N PRO A 378 21.11 -3.72 6.21
CA PRO A 378 21.18 -3.70 7.69
C PRO A 378 21.14 -5.05 8.40
N ALA A 379 20.56 -6.08 7.76
CA ALA A 379 20.51 -7.44 8.32
C ALA A 379 21.92 -8.06 8.39
N LEU A 380 22.80 -7.64 7.47
CA LEU A 380 24.15 -8.11 7.47
C LEU A 380 24.91 -7.60 8.65
N ARG A 381 25.91 -8.37 9.07
CA ARG A 381 26.82 -7.93 10.10
C ARG A 381 27.53 -6.68 9.69
N MET A 382 28.03 -6.71 8.45
CA MET A 382 28.89 -5.67 7.88
C MET A 382 28.44 -5.25 6.47
N PRO A 383 27.54 -4.25 6.39
CA PRO A 383 27.17 -3.71 5.07
C PRO A 383 28.34 -3.03 4.36
N PRO B 2 -20.42 26.37 -21.27
CA PRO B 2 -20.16 25.05 -20.64
C PRO B 2 -20.37 25.03 -19.11
N HIS B 3 -20.39 23.85 -18.47
CA HIS B 3 -20.75 23.76 -17.02
C HIS B 3 -19.63 24.15 -16.04
N ALA B 4 -20.03 24.81 -14.95
CA ALA B 4 -19.07 25.22 -13.93
C ALA B 4 -18.69 23.99 -13.09
N LEU B 5 -17.56 24.09 -12.39
CA LEU B 5 -17.10 23.08 -11.42
C LEU B 5 -16.89 23.71 -10.05
N LEU B 6 -17.58 23.22 -9.04
CA LEU B 6 -17.33 23.58 -7.65
C LEU B 6 -16.50 22.47 -6.96
N LEU B 7 -15.34 22.80 -6.45
CA LEU B 7 -14.43 21.85 -5.81
C LEU B 7 -14.34 22.21 -4.36
N ILE B 8 -14.75 21.29 -3.50
CA ILE B 8 -14.83 21.48 -2.06
C ILE B 8 -13.89 20.50 -1.34
N SER B 9 -13.04 21.00 -0.45
CA SER B 9 -12.26 20.14 0.46
C SER B 9 -12.74 20.27 1.89
N ILE B 10 -12.97 19.15 2.53
CA ILE B 10 -13.22 19.10 3.98
C ILE B 10 -12.01 18.49 4.62
N ASP B 11 -11.18 19.34 5.16
CA ASP B 11 -9.89 18.89 5.62
C ASP B 11 -10.10 17.89 6.73
N GLY B 12 -9.34 16.78 6.67
CA GLY B 12 -9.35 15.75 7.71
C GLY B 12 -10.61 14.92 7.87
N LEU B 13 -11.50 15.00 6.89
CA LEU B 13 -12.66 14.10 6.80
C LEU B 13 -12.27 12.69 6.31
N ARG B 14 -12.34 11.75 7.24
CA ARG B 14 -12.05 10.36 6.98
C ARG B 14 -13.18 9.69 6.20
N ALA B 15 -12.83 8.70 5.38
CA ALA B 15 -13.73 8.07 4.41
C ALA B 15 -14.99 7.39 4.96
N ASP B 16 -14.87 6.82 6.16
CA ASP B 16 -16.01 6.13 6.83
C ASP B 16 -17.05 7.10 7.39
N MET B 17 -16.70 8.39 7.46
CA MET B 17 -17.58 9.40 8.03
C MET B 17 -18.79 9.74 7.19
N LEU B 18 -18.79 9.33 5.91
CA LEU B 18 -19.96 9.39 5.07
C LEU B 18 -21.02 8.36 5.36
N ASP B 19 -20.69 7.35 6.17
CA ASP B 19 -21.61 6.22 6.41
C ASP B 19 -22.04 6.11 7.85
N ARG B 20 -22.07 7.25 8.55
CA ARG B 20 -22.43 7.29 9.96
C ARG B 20 -23.70 8.06 10.27
N GLY B 21 -24.46 8.40 9.22
CA GLY B 21 -25.69 9.17 9.35
C GLY B 21 -25.52 10.56 9.96
N ILE B 22 -24.36 11.18 9.75
CA ILE B 22 -24.10 12.54 10.24
C ILE B 22 -23.76 13.46 9.05
N THR B 23 -23.99 12.99 7.83
CA THR B 23 -23.76 13.78 6.64
C THR B 23 -24.95 13.61 5.71
N PRO B 24 -26.15 13.98 6.18
CA PRO B 24 -27.35 13.89 5.34
C PRO B 24 -27.26 14.60 3.98
N ASN B 25 -26.66 15.77 3.92
CA ASN B 25 -26.49 16.47 2.62
C ASN B 25 -25.48 15.81 1.67
N LEU B 26 -24.33 15.44 2.23
CA LEU B 26 -23.29 14.77 1.44
C LEU B 26 -23.69 13.38 1.01
N SER B 27 -24.38 12.67 1.90
CA SER B 27 -24.94 11.37 1.58
C SER B 27 -25.89 11.48 0.40
N HIS B 28 -26.80 12.44 0.48
CA HIS B 28 -27.81 12.61 -0.52
C HIS B 28 -27.13 12.96 -1.85
N LEU B 29 -26.18 13.87 -1.78
CA LEU B 29 -25.39 14.24 -2.95
C LEU B 29 -24.70 13.02 -3.62
N ALA B 30 -24.10 12.16 -2.82
CA ALA B 30 -23.42 10.95 -3.32
C ALA B 30 -24.39 9.95 -3.97
N ARG B 31 -25.49 9.66 -3.28
CA ARG B 31 -26.57 8.85 -3.84
C ARG B 31 -27.11 9.37 -5.18
N GLU B 32 -27.21 10.69 -5.34
CA GLU B 32 -27.61 11.31 -6.62
C GLU B 32 -26.47 11.29 -7.62
N GLY B 33 -25.28 10.96 -7.15
CA GLY B 33 -24.05 11.20 -7.92
C GLY B 33 -23.17 9.98 -7.91
N VAL B 34 -21.86 10.21 -7.89
CA VAL B 34 -20.88 9.12 -7.87
C VAL B 34 -20.08 9.23 -6.55
N ARG B 35 -19.79 8.07 -5.98
CA ARG B 35 -19.06 8.01 -4.76
C ARG B 35 -17.99 6.94 -4.80
N ALA B 36 -16.76 7.27 -4.41
CA ALA B 36 -15.76 6.24 -4.16
C ALA B 36 -15.94 5.63 -2.78
N ARG B 37 -15.56 4.39 -2.63
CA ARG B 37 -15.53 3.78 -1.29
C ARG B 37 -14.58 4.54 -0.38
N TRP B 38 -13.50 5.04 -0.98
CA TRP B 38 -12.58 5.91 -0.30
C TRP B 38 -11.56 6.33 -1.32
N MET B 39 -10.73 7.27 -0.91
CA MET B 39 -9.68 7.83 -1.78
C MET B 39 -8.44 7.87 -0.93
N ALA B 40 -7.35 7.26 -1.39
CA ALA B 40 -6.11 7.33 -0.61
C ALA B 40 -5.29 8.61 -0.87
N PRO B 41 -4.68 9.18 0.20
CA PRO B 41 -3.80 10.32 0.02
C PRO B 41 -2.45 9.92 -0.56
N SER B 42 -1.67 10.88 -1.07
CA SER B 42 -0.30 10.64 -1.43
C SER B 42 0.58 10.79 -0.19
N TYR B 43 1.76 10.22 -0.24
CA TYR B 43 2.78 10.39 0.81
C TYR B 43 3.54 11.72 0.61
N PRO B 44 3.67 12.55 1.65
CA PRO B 44 3.18 12.27 3.02
C PRO B 44 1.75 12.72 3.22
N SER B 45 1.06 12.06 4.14
CA SER B 45 -0.38 12.25 4.24
C SER B 45 -0.78 13.51 5.08
N LEU B 46 -0.30 14.63 4.54
CA LEU B 46 -0.37 15.95 5.15
C LEU B 46 -1.17 16.93 4.29
N THR B 47 -1.53 18.07 4.88
CA THR B 47 -2.53 18.96 4.30
C THR B 47 -2.05 19.65 3.00
N PHE B 48 -0.92 20.28 3.07
CA PHE B 48 -0.47 21.08 1.95
C PHE B 48 -0.09 20.20 0.81
N PRO B 49 0.74 19.17 1.06
CA PRO B 49 1.16 18.31 -0.06
C PRO B 49 -0.04 17.69 -0.76
N ASN B 50 -1.07 17.31 0.01
CA ASN B 50 -2.21 16.67 -0.63
C ASN B 50 -3.20 17.62 -1.28
N HIS B 51 -3.42 18.82 -0.76
CA HIS B 51 -4.27 19.77 -1.43
C HIS B 51 -3.60 20.16 -2.76
N TYR B 52 -2.26 20.27 -2.77
CA TYR B 52 -1.58 20.61 -4.02
C TYR B 52 -1.56 19.46 -5.04
N THR B 53 -1.41 18.23 -4.54
CA THR B 53 -1.57 17.03 -5.37
C THR B 53 -2.93 16.97 -6.04
N LEU B 54 -3.97 17.17 -5.27
CA LEU B 54 -5.31 17.15 -5.81
C LEU B 54 -5.54 18.05 -7.02
N VAL B 55 -4.96 19.26 -7.02
CA VAL B 55 -5.18 20.20 -8.12
C VAL B 55 -4.07 20.12 -9.22
N THR B 56 -3.02 19.34 -8.99
CA THR B 56 -1.94 19.15 -10.04
C THR B 56 -1.88 17.75 -10.69
N GLY B 57 -2.48 16.78 -10.02
CA GLY B 57 -2.30 15.37 -10.38
C GLY B 57 -0.90 14.82 -10.12
N LEU B 58 -0.06 15.58 -9.40
CA LEU B 58 1.32 15.18 -9.16
C LEU B 58 1.44 14.71 -7.72
N ARG B 59 2.30 13.69 -7.53
CA ARG B 59 2.77 13.28 -6.20
C ARG B 59 3.60 14.41 -5.59
N PRO B 60 3.58 14.53 -4.26
CA PRO B 60 4.37 15.55 -3.61
C PRO B 60 5.85 15.59 -4.04
N ASP B 61 6.42 14.44 -4.25
CA ASP B 61 7.83 14.32 -4.61
C ASP B 61 8.12 15.00 -5.94
N HIS B 62 7.11 15.16 -6.76
CA HIS B 62 7.24 15.84 -8.08
C HIS B 62 6.83 17.30 -8.08
N HIS B 63 5.80 17.68 -7.33
CA HIS B 63 5.35 19.05 -7.30
C HIS B 63 6.16 20.00 -6.40
N GLY B 64 6.93 19.43 -5.47
CA GLY B 64 7.80 20.22 -4.61
C GLY B 64 7.31 20.60 -3.22
N ILE B 65 6.02 20.57 -3.00
CA ILE B 65 5.44 20.78 -1.65
C ILE B 65 5.48 19.45 -0.95
N VAL B 66 6.69 19.15 -0.47
CA VAL B 66 6.98 17.80 0.07
C VAL B 66 6.57 17.61 1.53
N HIS B 67 6.20 18.69 2.19
CA HIS B 67 5.77 18.66 3.59
C HIS B 67 5.02 19.98 3.78
N ASN B 68 4.31 20.14 4.89
CA ASN B 68 3.86 21.44 5.40
C ASN B 68 4.96 22.46 5.77
N SER B 69 6.14 21.96 6.11
CA SER B 69 7.26 22.76 6.54
C SER B 69 8.46 22.24 5.79
N MET B 70 9.22 23.13 5.19
CA MET B 70 10.41 22.75 4.43
C MET B 70 11.51 23.81 4.54
N ARG B 71 12.71 23.43 4.15
CA ARG B 71 13.77 24.40 3.83
C ARG B 71 14.44 24.10 2.49
N ASP B 72 14.80 25.20 1.82
CA ASP B 72 15.35 25.16 0.48
C ASP B 72 16.54 26.09 0.55
N PRO B 73 17.70 25.63 0.08
CA PRO B 73 18.87 26.49 0.23
C PRO B 73 18.72 27.88 -0.46
N THR B 74 17.92 27.98 -1.52
CA THR B 74 17.72 29.25 -2.23
C THR B 74 16.53 30.04 -1.71
N LEU B 75 15.39 29.39 -1.49
CA LEU B 75 14.17 30.09 -1.08
C LEU B 75 14.03 30.26 0.42
N GLY B 76 14.93 29.68 1.22
CA GLY B 76 14.83 29.76 2.67
C GLY B 76 13.88 28.75 3.26
N GLY B 77 13.05 29.20 4.19
CA GLY B 77 12.12 28.35 4.96
C GLY B 77 10.68 28.49 4.49
N PHE B 78 9.85 27.47 4.74
CA PHE B 78 8.44 27.46 4.32
C PHE B 78 7.70 26.78 5.40
N TRP B 79 6.63 27.42 5.86
CA TRP B 79 5.64 26.82 6.76
C TRP B 79 4.34 27.57 6.54
N LEU B 80 3.27 27.02 7.08
CA LEU B 80 1.92 27.38 6.66
C LEU B 80 1.53 28.82 6.96
N SER B 81 2.10 29.41 8.00
CA SER B 81 1.76 30.79 8.34
C SER B 81 2.76 31.85 7.82
N LYS B 82 3.88 31.43 7.22
CA LYS B 82 4.79 32.37 6.58
C LYS B 82 4.21 32.75 5.23
N SER B 83 3.30 33.72 5.22
CA SER B 83 2.53 34.04 4.00
C SER B 83 3.40 34.44 2.79
N GLU B 84 4.61 34.96 2.98
CA GLU B 84 5.43 35.32 1.83
C GLU B 84 6.27 34.14 1.30
N ALA B 85 6.28 33.01 2.00
CA ALA B 85 6.73 31.75 1.40
C ALA B 85 5.54 31.09 0.66
N VAL B 86 4.40 30.93 1.35
CA VAL B 86 3.14 30.40 0.76
C VAL B 86 2.72 31.14 -0.55
N GLY B 87 2.92 32.47 -0.57
CA GLY B 87 2.61 33.32 -1.73
C GLY B 87 3.72 33.45 -2.76
N ASP B 88 4.82 32.74 -2.58
CA ASP B 88 5.96 32.71 -3.54
C ASP B 88 5.87 31.52 -4.54
N ALA B 89 5.51 31.83 -5.79
CA ALA B 89 5.36 30.84 -6.90
C ALA B 89 6.48 29.83 -7.02
N ARG B 90 7.68 30.21 -6.60
CA ARG B 90 8.85 29.34 -6.79
C ARG B 90 8.84 28.01 -5.99
N TRP B 91 8.06 27.95 -4.91
CA TRP B 91 7.83 26.69 -4.18
C TRP B 91 6.96 25.66 -4.92
N TRP B 92 6.07 26.13 -5.78
CA TRP B 92 4.97 25.33 -6.29
C TRP B 92 5.22 24.84 -7.71
N GLY B 93 5.47 23.54 -7.84
CA GLY B 93 5.67 22.87 -9.14
C GLY B 93 4.38 22.64 -9.91
N GLY B 94 4.53 22.25 -11.17
CA GLY B 94 3.43 21.83 -12.02
C GLY B 94 2.45 22.92 -12.36
N GLU B 95 1.26 22.53 -12.74
CA GLU B 95 0.24 23.47 -13.16
C GLU B 95 -1.07 23.11 -12.44
N PRO B 96 -1.42 23.85 -11.41
CA PRO B 96 -2.72 23.59 -10.82
C PRO B 96 -3.89 23.97 -11.75
N VAL B 97 -5.05 23.40 -11.49
CA VAL B 97 -6.20 23.56 -12.40
C VAL B 97 -6.59 25.05 -12.64
N TRP B 98 -6.58 25.87 -11.59
CA TRP B 98 -6.94 27.30 -11.73
C TRP B 98 -6.06 28.07 -12.75
N VAL B 99 -4.79 27.70 -12.85
CA VAL B 99 -3.90 28.27 -13.88
C VAL B 99 -4.35 27.86 -15.27
N GLY B 100 -4.67 26.57 -15.41
CA GLY B 100 -5.19 26.04 -16.67
C GLY B 100 -6.48 26.72 -17.09
N VAL B 101 -7.38 26.89 -16.13
CA VAL B 101 -8.65 27.58 -16.37
C VAL B 101 -8.41 29.03 -16.84
N GLU B 102 -7.47 29.73 -16.19
CA GLU B 102 -7.22 31.15 -16.49
C GLU B 102 -6.60 31.25 -17.86
N ASN B 103 -5.66 30.35 -18.14
CA ASN B 103 -5.03 30.28 -19.47
C ASN B 103 -5.97 29.97 -20.62
N THR B 104 -7.16 29.42 -20.35
CA THR B 104 -8.16 29.29 -21.42
C THR B 104 -8.98 30.54 -21.60
N GLY B 105 -8.69 31.58 -20.84
CA GLY B 105 -9.55 32.74 -20.84
C GLY B 105 -10.84 32.56 -20.08
N GLN B 106 -10.91 31.57 -19.19
CA GLN B 106 -12.07 31.45 -18.27
C GLN B 106 -11.57 31.89 -16.89
N HIS B 107 -12.44 31.89 -15.89
CA HIS B 107 -12.05 32.37 -14.58
C HIS B 107 -12.27 31.40 -13.44
N ALA B 108 -11.30 31.47 -12.50
CA ALA B 108 -11.23 30.64 -11.31
C ALA B 108 -11.34 31.53 -10.08
N ALA B 109 -12.13 31.11 -9.11
CA ALA B 109 -12.25 31.79 -7.83
C ALA B 109 -11.93 30.79 -6.71
N THR B 110 -10.93 31.10 -5.90
CA THR B 110 -10.50 30.18 -4.83
C THR B 110 -10.72 30.73 -3.40
N TRP B 111 -11.52 30.05 -2.58
CA TRP B 111 -11.50 30.31 -1.12
C TRP B 111 -10.35 29.57 -0.42
N SER B 112 -9.18 30.20 -0.39
CA SER B 112 -7.93 29.68 0.23
C SER B 112 -7.60 28.21 0.03
N TRP B 113 -7.46 27.83 -1.23
CA TRP B 113 -6.88 26.53 -1.56
C TRP B 113 -5.37 26.70 -1.50
N PRO B 114 -4.65 25.78 -0.81
CA PRO B 114 -3.18 25.85 -0.77
C PRO B 114 -2.51 26.02 -2.16
N GLY B 115 -1.71 27.05 -2.29
CA GLY B 115 -1.10 27.49 -3.56
C GLY B 115 -1.81 28.63 -4.27
N SER B 116 -3.08 28.88 -3.94
CA SER B 116 -3.88 29.89 -4.69
C SER B 116 -3.54 31.37 -4.33
N GLU B 117 -2.71 31.56 -3.30
CA GLU B 117 -2.16 32.84 -2.95
C GLU B 117 -0.92 33.18 -3.73
N ALA B 118 -0.42 32.30 -4.57
CA ALA B 118 0.82 32.58 -5.33
C ALA B 118 0.49 32.80 -6.78
N ALA B 119 1.48 33.27 -7.55
CA ALA B 119 1.32 33.48 -9.00
C ALA B 119 2.03 32.38 -9.72
N ILE B 120 1.43 31.19 -9.68
CA ILE B 120 2.10 29.97 -10.12
C ILE B 120 2.15 30.00 -11.63
N LYS B 121 3.32 29.71 -12.20
CA LYS B 121 3.58 29.90 -13.63
C LYS B 121 3.13 31.30 -14.07
N GLY B 122 3.26 32.27 -13.17
CA GLY B 122 2.86 33.64 -13.41
C GLY B 122 1.38 33.96 -13.43
N VAL B 123 0.53 33.02 -13.01
CA VAL B 123 -0.91 33.17 -13.16
C VAL B 123 -1.62 33.00 -11.82
N ARG B 124 -2.45 33.99 -11.46
CA ARG B 124 -3.29 33.93 -10.28
C ARG B 124 -4.70 33.61 -10.65
N PRO B 125 -5.46 33.03 -9.70
CA PRO B 125 -6.90 33.01 -9.92
C PRO B 125 -7.43 34.45 -10.02
N SER B 126 -8.58 34.63 -10.64
CA SER B 126 -9.26 35.91 -10.70
C SER B 126 -9.64 36.36 -9.34
N GLN B 127 -10.19 35.45 -8.54
CA GLN B 127 -10.57 35.77 -7.18
C GLN B 127 -9.96 34.79 -6.19
N TRP B 128 -9.48 35.35 -5.08
CA TRP B 128 -8.77 34.61 -4.03
C TRP B 128 -8.68 35.43 -2.75
N ARG B 129 -8.11 34.84 -1.72
CA ARG B 129 -7.86 35.54 -0.46
C ARG B 129 -6.75 34.87 0.32
N HIS B 130 -6.12 35.67 1.18
CA HIS B 130 -5.19 35.17 2.16
C HIS B 130 -5.99 34.42 3.20
N TYR B 131 -5.49 33.25 3.60
CA TYR B 131 -6.19 32.44 4.62
C TYR B 131 -6.26 33.16 5.96
N GLN B 132 -7.41 33.11 6.60
CA GLN B 132 -7.57 33.60 7.97
C GLN B 132 -8.42 32.61 8.78
N LYS B 133 -7.95 32.38 10.01
CA LYS B 133 -8.58 31.48 10.98
C LYS B 133 -9.95 32.03 11.34
N GLY B 134 -10.83 31.18 11.84
CA GLY B 134 -12.07 31.64 12.45
C GLY B 134 -13.07 32.31 11.52
N VAL B 135 -12.96 32.13 10.21
CA VAL B 135 -13.97 32.70 9.30
C VAL B 135 -15.25 31.86 9.40
N ARG B 136 -16.39 32.52 9.39
CA ARG B 136 -17.64 31.84 9.60
C ARG B 136 -18.04 30.99 8.37
N LEU B 137 -18.87 30.00 8.67
CA LEU B 137 -19.28 29.01 7.68
C LEU B 137 -20.12 29.73 6.60
N ASP B 138 -21.17 30.41 7.06
CA ASP B 138 -22.03 31.20 6.17
C ASP B 138 -21.32 32.33 5.42
N THR B 139 -20.24 32.85 5.98
CA THR B 139 -19.45 33.86 5.28
C THR B 139 -18.88 33.22 4.01
N ARG B 140 -18.02 32.21 4.18
CA ARG B 140 -17.43 31.57 3.03
C ARG B 140 -18.46 30.93 2.09
N VAL B 141 -19.55 30.44 2.64
CA VAL B 141 -20.61 29.83 1.84
C VAL B 141 -21.29 30.84 0.89
N ASP B 142 -21.39 32.09 1.35
CA ASP B 142 -22.07 33.13 0.59
C ASP B 142 -21.12 33.72 -0.45
N ALA B 143 -19.85 33.85 -0.11
CA ALA B 143 -18.83 34.25 -1.09
C ALA B 143 -18.73 33.34 -2.33
N VAL B 144 -18.66 32.04 -2.03
CA VAL B 144 -18.67 31.03 -3.05
C VAL B 144 -19.97 31.08 -3.85
N ARG B 145 -21.10 31.18 -3.15
CA ARG B 145 -22.41 31.35 -3.80
C ARG B 145 -22.45 32.46 -4.85
N GLY B 146 -21.85 33.59 -4.48
CA GLY B 146 -21.72 34.75 -5.32
C GLY B 146 -20.77 34.56 -6.47
N TRP B 147 -19.62 33.97 -6.21
CA TRP B 147 -18.66 33.69 -7.29
C TRP B 147 -19.28 32.80 -8.36
N LEU B 148 -20.17 31.89 -7.94
CA LEU B 148 -20.87 31.00 -8.88
C LEU B 148 -21.99 31.72 -9.65
N ALA B 149 -22.62 32.69 -9.01
CA ALA B 149 -23.70 33.47 -9.61
C ALA B 149 -23.17 34.55 -10.56
N THR B 150 -21.90 34.96 -10.43
CA THR B 150 -21.41 36.04 -11.29
C THR B 150 -21.65 35.70 -12.77
N ASP B 151 -22.37 36.57 -13.47
CA ASP B 151 -22.65 36.43 -14.90
C ASP B 151 -21.76 37.39 -15.68
N GLY B 152 -21.92 37.39 -17.01
CA GLY B 152 -21.08 38.17 -17.88
C GLY B 152 -19.66 37.65 -17.89
N ALA B 153 -18.72 38.54 -18.16
CA ALA B 153 -17.32 38.19 -18.36
C ALA B 153 -16.59 37.87 -17.06
N GLN B 154 -17.17 38.23 -15.91
CA GLN B 154 -16.63 37.82 -14.62
C GLN B 154 -17.00 36.37 -14.27
N ARG B 155 -17.86 35.72 -15.08
CA ARG B 155 -18.22 34.26 -14.96
C ARG B 155 -17.08 33.35 -14.51
N ASN B 156 -17.28 32.57 -13.44
CA ASN B 156 -16.25 31.61 -13.00
C ASN B 156 -16.57 30.19 -13.47
N ARG B 157 -15.68 29.63 -14.28
CA ARG B 157 -15.72 28.20 -14.64
C ARG B 157 -15.34 27.27 -13.46
N LEU B 158 -14.41 27.74 -12.60
CA LEU B 158 -13.92 27.02 -11.42
C LEU B 158 -14.11 27.84 -10.16
N VAL B 159 -14.70 27.23 -9.16
CA VAL B 159 -14.78 27.83 -7.82
C VAL B 159 -14.36 26.77 -6.79
N THR B 160 -13.41 27.11 -5.92
CA THR B 160 -12.94 26.20 -4.86
C THR B 160 -13.26 26.70 -3.45
N LEU B 161 -13.50 25.76 -2.56
CA LEU B 161 -13.98 26.05 -1.21
C LEU B 161 -13.27 25.13 -0.23
N TYR B 162 -12.70 25.70 0.84
CA TYR B 162 -11.95 24.94 1.86
C TYR B 162 -12.63 25.07 3.23
N PHE B 163 -12.78 23.95 3.98
CA PHE B 163 -13.17 23.98 5.43
C PHE B 163 -12.10 23.30 6.29
N GLU B 164 -11.74 23.94 7.39
CA GLU B 164 -10.71 23.48 8.33
C GLU B 164 -11.34 22.87 9.61
N HIS B 165 -12.64 22.94 9.72
CA HIS B 165 -13.29 22.76 11.06
C HIS B 165 -13.16 21.34 11.59
N VAL B 166 -13.36 20.38 10.67
CA VAL B 166 -13.30 18.96 10.98
C VAL B 166 -11.89 18.59 11.41
N ASP B 167 -10.88 19.04 10.67
CA ASP B 167 -9.49 18.75 11.00
C ASP B 167 -9.08 19.31 12.38
N GLU B 168 -9.53 20.53 12.71
CA GLU B 168 -9.27 21.16 14.05
C GLU B 168 -9.86 20.36 15.20
N ALA B 169 -11.15 20.02 15.07
CA ALA B 169 -11.83 19.25 16.14
C ALA B 169 -11.18 17.86 16.32
N GLY B 170 -10.80 17.25 15.20
CA GLY B 170 -10.15 15.98 15.22
C GLY B 170 -8.76 16.01 15.88
N ALA B 171 -7.96 17.01 15.49
CA ALA B 171 -6.68 17.21 16.15
C ALA B 171 -6.85 17.32 17.69
N ASP B 172 -7.84 18.09 18.13
CA ASP B 172 -8.07 18.31 19.57
C ASP B 172 -8.63 17.11 20.33
N HIS B 173 -9.58 16.40 19.74
CA HIS B 173 -10.32 15.36 20.51
C HIS B 173 -10.35 13.98 19.85
N GLY B 174 -9.66 13.80 18.72
CA GLY B 174 -9.69 12.54 18.00
C GLY B 174 -10.92 12.39 17.11
N PRO B 175 -10.84 11.48 16.13
CA PRO B 175 -11.87 11.27 15.11
C PRO B 175 -13.08 10.50 15.58
N GLU B 176 -13.01 9.88 16.74
CA GLU B 176 -14.18 9.18 17.31
C GLU B 176 -14.92 10.00 18.34
N SER B 177 -14.47 11.23 18.54
CA SER B 177 -15.05 12.13 19.52
C SER B 177 -16.35 12.75 19.04
N ARG B 178 -17.10 13.29 20.00
CA ARG B 178 -18.33 14.05 19.72
C ARG B 178 -18.00 15.38 19.05
N GLN B 179 -16.86 15.98 19.38
CA GLN B 179 -16.49 17.24 18.74
C GLN B 179 -16.22 17.06 17.26
N TYR B 180 -15.52 15.99 16.90
CA TYR B 180 -15.29 15.61 15.50
C TYR B 180 -16.63 15.41 14.81
N ALA B 181 -17.56 14.68 15.44
CA ALA B 181 -18.88 14.44 14.81
C ALA B 181 -19.67 15.74 14.57
N ASP B 182 -19.69 16.62 15.58
CA ASP B 182 -20.30 17.96 15.51
C ASP B 182 -19.71 18.79 14.37
N ALA B 183 -18.39 18.84 14.28
CA ALA B 183 -17.75 19.63 13.20
C ALA B 183 -18.16 19.09 11.84
N VAL B 184 -18.19 17.75 11.70
CA VAL B 184 -18.71 17.11 10.50
C VAL B 184 -20.16 17.54 10.16
N ARG B 185 -21.07 17.42 11.13
CA ARG B 185 -22.46 17.86 10.91
C ARG B 185 -22.53 19.29 10.47
N ALA B 186 -21.75 20.14 11.14
CA ALA B 186 -21.77 21.56 10.86
C ALA B 186 -21.28 21.88 9.45
N VAL B 187 -20.18 21.27 9.01
CA VAL B 187 -19.70 21.47 7.63
C VAL B 187 -20.70 20.87 6.64
N ASP B 188 -21.24 19.69 6.96
CA ASP B 188 -22.28 19.11 6.13
C ASP B 188 -23.51 20.02 5.95
N ALA B 189 -24.04 20.54 7.06
CA ALA B 189 -25.14 21.54 7.00
C ALA B 189 -24.77 22.78 6.14
N ALA B 190 -23.56 23.27 6.32
CA ALA B 190 -23.08 24.41 5.56
C ALA B 190 -23.13 24.17 4.07
N ILE B 191 -22.78 22.96 3.68
CA ILE B 191 -22.80 22.56 2.28
C ILE B 191 -24.24 22.41 1.78
N GLY B 192 -25.13 21.89 2.64
CA GLY B 192 -26.56 21.87 2.36
C GLY B 192 -27.13 23.26 2.06
N ARG B 193 -26.76 24.24 2.89
CA ARG B 193 -27.17 25.62 2.66
C ARG B 193 -26.60 26.13 1.35
N LEU B 194 -25.32 25.84 1.08
CA LEU B 194 -24.69 26.25 -0.18
C LEU B 194 -25.53 25.72 -1.35
N LEU B 195 -25.94 24.45 -1.29
CA LEU B 195 -26.68 23.80 -2.38
C LEU B 195 -28.07 24.40 -2.57
N ALA B 196 -28.73 24.65 -1.44
CA ALA B 196 -30.04 25.27 -1.43
C ALA B 196 -29.94 26.64 -2.05
N GLY B 197 -28.90 27.37 -1.64
CA GLY B 197 -28.66 28.71 -2.17
C GLY B 197 -28.47 28.72 -3.67
N MET B 198 -27.64 27.80 -4.16
CA MET B 198 -27.41 27.65 -5.59
C MET B 198 -28.73 27.35 -6.31
N GLN B 199 -29.62 26.57 -5.67
CA GLN B 199 -30.94 26.26 -6.23
C GLN B 199 -31.73 27.58 -6.43
N ARG B 200 -31.72 28.42 -5.40
CA ARG B 200 -32.36 29.73 -5.44
C ARG B 200 -31.71 30.72 -6.45
N ASP B 201 -30.40 30.67 -6.63
CA ASP B 201 -29.70 31.50 -7.66
C ASP B 201 -29.85 30.98 -9.10
N GLY B 202 -30.45 29.79 -9.21
CA GLY B 202 -30.50 29.03 -10.44
C GLY B 202 -29.15 28.60 -10.98
N THR B 203 -28.12 28.47 -10.12
CA THR B 203 -26.77 28.03 -10.49
C THR B 203 -26.49 26.53 -10.28
N ARG B 204 -27.32 25.86 -9.47
CA ARG B 204 -27.13 24.46 -9.13
C ARG B 204 -27.11 23.49 -10.31
N ALA B 205 -28.13 23.60 -11.17
CA ALA B 205 -28.33 22.69 -12.27
C ALA B 205 -27.25 22.77 -13.35
N ARG B 206 -26.55 23.87 -13.46
CA ARG B 206 -25.39 24.00 -14.38
C ARG B 206 -24.00 23.87 -13.72
N THR B 207 -23.99 23.39 -12.49
CA THR B 207 -22.72 23.27 -11.72
C THR B 207 -22.41 21.81 -11.33
N ASN B 208 -21.29 21.33 -11.85
CA ASN B 208 -20.69 20.08 -11.34
C ASN B 208 -19.99 20.32 -10.00
N ILE B 209 -20.04 19.35 -9.11
CA ILE B 209 -19.51 19.47 -7.77
C ILE B 209 -18.62 18.23 -7.49
N ILE B 210 -17.44 18.45 -6.94
CA ILE B 210 -16.56 17.41 -6.40
C ILE B 210 -16.28 17.78 -4.95
N VAL B 211 -16.46 16.82 -4.06
CA VAL B 211 -16.15 17.03 -2.64
C VAL B 211 -15.09 15.98 -2.31
N VAL B 212 -13.97 16.44 -1.79
CA VAL B 212 -12.85 15.59 -1.41
C VAL B 212 -12.46 15.97 0.01
N SER B 213 -11.63 15.15 0.64
CA SER B 213 -10.75 15.61 1.72
C SER B 213 -9.34 15.29 1.35
N ASP B 214 -8.41 15.78 2.17
CA ASP B 214 -6.97 15.64 1.91
C ASP B 214 -6.32 14.38 2.50
N HIS B 215 -6.86 13.96 3.62
CA HIS B 215 -6.46 12.75 4.29
C HIS B 215 -7.52 12.49 5.40
N GLY B 216 -7.41 11.37 6.08
CA GLY B 216 -8.34 11.06 7.21
C GLY B 216 -7.67 11.44 8.52
N MET B 217 -7.94 10.66 9.55
CA MET B 217 -7.51 11.00 10.89
C MET B 217 -7.39 9.73 11.72
N ALA B 218 -6.31 9.61 12.48
CA ALA B 218 -6.12 8.50 13.40
C ALA B 218 -6.18 9.03 14.81
N GLU B 219 -6.64 8.20 15.72
CA GLU B 219 -6.71 8.54 17.13
C GLU B 219 -5.29 8.45 17.78
N VAL B 220 -4.93 9.44 18.59
CA VAL B 220 -3.65 9.52 19.31
C VAL B 220 -3.99 9.46 20.81
N ALA B 221 -3.71 8.33 21.41
CA ALA B 221 -4.04 8.06 22.80
C ALA B 221 -3.03 8.80 23.68
N PRO B 222 -3.42 9.10 24.92
CA PRO B 222 -2.54 9.84 25.86
C PRO B 222 -1.17 9.19 26.02
N GLY B 223 -0.13 10.00 26.18
CA GLY B 223 1.23 9.45 26.27
C GLY B 223 1.83 8.89 24.98
N HIS B 224 1.17 9.08 23.82
CA HIS B 224 1.69 8.62 22.54
C HIS B 224 2.47 9.73 21.82
N ALA B 225 3.19 10.55 22.58
CA ALA B 225 3.97 11.63 22.04
C ALA B 225 5.39 11.51 22.57
N ILE B 226 6.38 11.44 21.69
CA ILE B 226 7.79 11.56 22.06
C ILE B 226 8.38 12.87 21.52
N SER B 227 9.66 13.11 21.84
CA SER B 227 10.32 14.28 21.33
C SER B 227 11.07 13.87 20.10
N VAL B 228 11.15 14.75 19.11
CA VAL B 228 12.02 14.47 17.95
C VAL B 228 13.49 14.21 18.33
N GLU B 229 13.89 14.79 19.46
CA GLU B 229 15.24 14.64 19.97
C GLU B 229 15.50 13.30 20.62
N ASP B 230 14.44 12.56 20.98
CA ASP B 230 14.54 11.11 21.28
C ASP B 230 14.94 10.29 20.06
N ILE B 231 14.59 10.74 18.86
CA ILE B 231 14.96 10.05 17.65
C ILE B 231 16.44 10.33 17.34
N ALA B 232 16.80 11.60 17.26
CA ALA B 232 18.19 12.03 17.03
C ALA B 232 18.45 13.29 17.85
N PRO B 233 19.47 13.27 18.72
CA PRO B 233 19.72 14.48 19.49
C PRO B 233 20.33 15.59 18.65
N PRO B 234 20.18 16.83 19.15
CA PRO B 234 20.60 17.99 18.37
C PRO B 234 22.13 18.06 18.14
N GLN B 235 22.90 17.38 18.99
CA GLN B 235 24.34 17.13 18.72
C GLN B 235 24.65 16.54 17.35
N ILE B 236 23.76 15.69 16.83
CA ILE B 236 24.03 14.96 15.57
C ILE B 236 23.17 15.36 14.37
N ALA B 237 21.94 15.81 14.61
CA ALA B 237 21.08 16.18 13.48
C ALA B 237 20.04 17.21 13.85
N THR B 238 19.57 17.93 12.84
CA THR B 238 18.60 18.98 13.01
C THR B 238 17.30 18.37 12.52
N ALA B 239 16.28 18.38 13.38
CA ALA B 239 14.94 18.01 13.00
C ALA B 239 14.33 19.11 12.16
N ILE B 240 14.02 18.84 10.90
CA ILE B 240 13.48 19.86 10.01
C ILE B 240 11.97 19.94 10.19
N THR B 241 11.31 18.80 10.43
CA THR B 241 9.88 18.78 10.71
C THR B 241 9.59 17.96 11.95
N ASP B 242 8.42 18.20 12.56
CA ASP B 242 7.95 17.30 13.58
C ASP B 242 6.55 16.78 13.18
N GLY B 243 5.85 16.13 14.12
CA GLY B 243 4.58 15.56 13.87
C GLY B 243 4.70 14.02 13.67
N GLN B 244 4.56 13.58 12.40
CA GLN B 244 4.57 12.19 12.02
C GLN B 244 5.57 11.83 10.96
N VAL B 245 5.84 12.75 10.05
CA VAL B 245 6.91 12.60 9.06
C VAL B 245 8.04 13.50 9.49
N ILE B 246 9.11 12.89 9.99
CA ILE B 246 10.11 13.60 10.73
C ILE B 246 11.35 13.58 9.83
N GLY B 247 11.72 14.74 9.31
CA GLY B 247 12.91 14.87 8.46
C GLY B 247 14.10 15.34 9.29
N PHE B 248 15.25 14.67 9.15
CA PHE B 248 16.47 15.09 9.81
C PHE B 248 17.58 15.42 8.77
N GLU B 249 18.36 16.43 9.07
CA GLU B 249 19.54 16.75 8.31
C GLU B 249 20.70 16.58 9.28
N PRO B 250 21.54 15.60 9.03
CA PRO B 250 22.64 15.45 9.96
C PRO B 250 23.58 16.68 9.95
N LEU B 251 24.18 16.97 11.10
CA LEU B 251 25.11 18.10 11.22
C LEU B 251 26.34 17.78 10.40
N PRO B 252 27.10 18.81 9.96
CA PRO B 252 28.34 18.57 9.19
C PRO B 252 29.33 17.65 9.91
N GLY B 253 29.80 16.63 9.18
CA GLY B 253 30.65 15.60 9.76
C GLY B 253 29.96 14.69 10.78
N GLN B 254 28.64 14.55 10.66
CA GLN B 254 27.84 13.67 11.57
C GLN B 254 26.89 12.68 10.82
N GLN B 255 27.01 12.54 9.48
CA GLN B 255 26.29 11.48 8.71
C GLN B 255 26.38 10.08 9.38
N ALA B 256 27.57 9.70 9.84
CA ALA B 256 27.77 8.36 10.44
C ALA B 256 27.10 8.19 11.79
N ALA B 257 27.18 9.20 12.66
CA ALA B 257 26.45 9.15 13.95
C ALA B 257 24.95 9.14 13.74
N ALA B 258 24.49 9.98 12.82
CA ALA B 258 23.08 10.09 12.47
C ALA B 258 22.56 8.79 11.92
N GLU B 259 23.20 8.29 10.88
CA GLU B 259 22.75 7.03 10.33
C GLU B 259 22.79 5.88 11.32
N ALA B 260 23.86 5.79 12.12
CA ALA B 260 24.02 4.66 13.02
C ALA B 260 22.99 4.57 14.17
N SER B 261 22.50 5.71 14.67
CA SER B 261 21.42 5.72 15.72
C SER B 261 19.99 5.98 15.18
N VAL B 262 19.86 6.50 13.96
CA VAL B 262 18.54 6.82 13.42
C VAL B 262 17.99 5.74 12.49
N LEU B 263 18.79 5.28 11.52
CA LEU B 263 18.26 4.38 10.49
C LEU B 263 17.67 3.08 11.07
N GLY B 264 16.57 2.62 10.49
CA GLY B 264 16.01 1.31 10.80
C GLY B 264 14.82 1.41 11.67
N ALA B 265 14.55 0.34 12.43
CA ALA B 265 13.30 0.20 13.18
C ALA B 265 13.51 0.52 14.62
N HIS B 266 12.54 1.21 15.21
CA HIS B 266 12.59 1.58 16.62
C HIS B 266 11.25 1.33 17.24
N ASP B 267 11.06 1.71 18.50
CA ASP B 267 9.84 1.32 19.24
C ASP B 267 8.56 1.75 18.53
N HIS B 268 8.46 3.02 18.16
CA HIS B 268 7.23 3.53 17.54
C HIS B 268 7.46 4.35 16.26
N TYR B 269 8.52 4.02 15.56
CA TYR B 269 8.79 4.65 14.25
C TYR B 269 9.83 3.85 13.50
N ASP B 270 10.02 4.23 12.24
CA ASP B 270 11.05 3.65 11.41
C ASP B 270 11.70 4.79 10.66
N CYS B 271 12.97 4.64 10.27
CA CYS B 271 13.66 5.67 9.51
C CYS B 271 14.47 5.11 8.37
N TRP B 272 14.60 5.90 7.30
CA TRP B 272 15.27 5.54 6.05
C TRP B 272 16.03 6.74 5.52
N ARG B 273 17.10 6.47 4.80
CA ARG B 273 17.70 7.49 3.94
C ARG B 273 16.65 7.78 2.91
N LYS B 274 16.50 9.03 2.52
CA LYS B 274 15.39 9.41 1.63
C LYS B 274 15.35 8.62 0.33
N ALA B 275 16.52 8.27 -0.22
CA ALA B 275 16.59 7.55 -1.50
C ALA B 275 16.18 6.10 -1.35
N GLU B 276 16.17 5.58 -0.12
CA GLU B 276 15.82 4.21 0.17
C GLU B 276 14.47 4.07 0.88
N LEU B 277 13.58 5.02 0.71
CA LEU B 277 12.22 4.90 1.29
C LEU B 277 11.39 3.85 0.55
N PRO B 278 10.42 3.17 1.22
CA PRO B 278 9.47 2.24 0.59
C PRO B 278 8.94 2.71 -0.74
N ALA B 279 9.16 1.90 -1.77
CA ALA B 279 8.86 2.29 -3.15
C ALA B 279 7.44 2.80 -3.31
N ARG B 280 6.46 2.21 -2.61
CA ARG B 280 5.10 2.58 -2.91
C ARG B 280 4.74 3.98 -2.45
N TRP B 281 5.53 4.53 -1.54
CA TRP B 281 5.32 5.93 -1.14
C TRP B 281 5.65 6.94 -2.25
N GLN B 282 6.40 6.50 -3.25
CA GLN B 282 6.82 7.39 -4.35
C GLN B 282 7.29 8.78 -3.85
N TYR B 283 8.26 8.73 -2.96
CA TYR B 283 8.74 9.88 -2.23
C TYR B 283 10.21 9.68 -1.91
N GLY B 284 10.99 10.76 -1.97
CA GLY B 284 12.37 10.74 -1.55
C GLY B 284 13.37 11.21 -2.56
N SER B 285 12.94 11.47 -3.80
CA SER B 285 13.80 11.95 -4.85
C SER B 285 13.96 13.49 -4.86
N HIS B 286 12.99 14.23 -4.32
CA HIS B 286 13.05 15.69 -4.34
C HIS B 286 14.14 16.22 -3.42
N PRO B 287 14.98 17.15 -3.91
CA PRO B 287 16.10 17.71 -3.14
C PRO B 287 15.71 18.40 -1.86
N ARG B 288 14.51 18.95 -1.79
CA ARG B 288 14.00 19.58 -0.58
C ARG B 288 13.73 18.59 0.52
N ILE B 289 13.64 17.30 0.21
CA ILE B 289 13.40 16.30 1.23
C ILE B 289 14.69 16.14 2.05
N PRO B 290 14.60 16.21 3.38
CA PRO B 290 15.77 15.98 4.23
C PRO B 290 16.40 14.63 3.95
N SER B 291 17.69 14.51 4.21
CA SER B 291 18.42 13.30 3.85
C SER B 291 17.91 12.06 4.58
N LEU B 292 17.38 12.25 5.81
CA LEU B 292 16.81 11.17 6.62
C LEU B 292 15.34 11.39 6.96
N VAL B 293 14.49 10.42 6.65
CA VAL B 293 13.05 10.56 6.84
C VAL B 293 12.59 9.44 7.71
N CYS B 294 11.93 9.78 8.80
CA CYS B 294 11.33 8.84 9.73
C CYS B 294 9.80 8.94 9.67
N GLN B 295 9.15 7.78 9.72
CA GLN B 295 7.72 7.69 9.79
C GLN B 295 7.33 7.14 11.16
N MET B 296 6.52 7.91 11.88
CA MET B 296 5.95 7.47 13.14
C MET B 296 4.85 6.44 12.88
N HIS B 297 4.78 5.44 13.77
CA HIS B 297 3.68 4.46 13.69
C HIS B 297 2.37 5.14 13.96
N GLU B 298 1.31 4.58 13.39
CA GLU B 298 -0.06 5.08 13.56
C GLU B 298 -0.35 5.30 15.01
N GLY B 299 -1.03 6.40 15.32
CA GLY B 299 -1.34 6.79 16.73
C GLY B 299 -0.21 7.37 17.57
N TRP B 300 0.93 7.69 16.96
CA TRP B 300 2.08 8.30 17.67
C TRP B 300 2.54 9.60 17.01
N ASP B 301 3.05 10.51 17.85
CA ASP B 301 3.63 11.79 17.41
C ASP B 301 5.05 11.90 17.94
N ALA B 302 5.93 12.49 17.13
CA ALA B 302 7.20 13.00 17.63
C ALA B 302 7.13 14.54 17.48
N LEU B 303 7.31 15.28 18.58
CA LEU B 303 7.16 16.74 18.58
C LEU B 303 8.44 17.47 18.88
N PHE B 304 8.59 18.69 18.34
CA PHE B 304 9.66 19.58 18.80
C PHE B 304 9.51 19.68 20.33
N PRO B 305 10.63 19.69 21.06
CA PRO B 305 10.55 19.63 22.54
C PRO B 305 9.73 20.77 23.17
N ASP B 306 9.74 21.99 22.59
CA ASP B 306 8.91 23.12 23.08
C ASP B 306 7.42 22.85 22.98
N LYS B 307 6.96 22.26 21.88
CA LYS B 307 5.56 21.81 21.75
C LYS B 307 5.24 20.69 22.68
N LEU B 308 6.19 19.76 22.80
CA LEU B 308 5.98 18.57 23.62
C LEU B 308 5.72 19.04 25.02
N ALA B 309 6.58 19.94 25.49
CA ALA B 309 6.47 20.51 26.82
C ALA B 309 5.11 21.19 26.99
N LYS B 310 4.68 21.98 26.01
CA LYS B 310 3.37 22.66 26.09
C LYS B 310 2.13 21.86 25.65
N ARG B 311 2.29 20.67 25.05
CA ARG B 311 1.13 19.82 24.74
C ARG B 311 0.44 19.42 26.07
N ALA B 312 -0.72 20.00 26.33
CA ALA B 312 -1.51 19.67 27.52
C ALA B 312 -2.20 18.30 27.39
N GLN B 313 -1.50 17.24 27.80
CA GLN B 313 -1.99 15.86 27.73
C GLN B 313 -3.15 15.66 28.75
N ARG B 314 -4.34 15.34 28.25
CA ARG B 314 -5.50 14.92 29.08
C ARG B 314 -6.02 13.65 28.49
N GLY B 315 -6.66 13.80 27.33
CA GLY B 315 -7.36 12.73 26.67
C GLY B 315 -6.88 12.53 25.24
N THR B 316 -7.71 11.77 24.58
CA THR B 316 -7.48 11.36 23.24
C THR B 316 -7.40 12.58 22.30
N ARG B 317 -6.49 12.49 21.36
CA ARG B 317 -6.26 13.55 20.37
C ARG B 317 -6.29 12.91 18.98
N GLY B 318 -5.98 13.65 17.92
CA GLY B 318 -5.94 13.09 16.60
C GLY B 318 -4.79 13.61 15.75
N SER B 319 -4.38 12.79 14.80
CA SER B 319 -3.26 13.12 13.90
C SER B 319 -3.47 12.40 12.56
N HIS B 320 -2.84 12.97 11.55
CA HIS B 320 -2.79 12.38 10.25
C HIS B 320 -1.34 12.24 9.99
N GLY B 321 -0.87 12.23 8.72
CA GLY B 321 0.57 12.01 8.45
C GLY B 321 1.11 10.60 8.53
N TYR B 322 0.25 9.62 8.75
CA TYR B 322 0.65 8.22 8.77
C TYR B 322 0.62 7.58 7.38
N ASP B 323 1.23 6.39 7.29
CA ASP B 323 1.21 5.59 6.07
C ASP B 323 -0.14 5.71 5.32
N PRO B 324 -0.13 6.20 4.08
CA PRO B 324 -1.39 6.43 3.33
C PRO B 324 -2.20 5.17 2.97
N ALA B 325 -1.65 3.97 3.15
CA ALA B 325 -2.40 2.72 3.02
C ALA B 325 -3.20 2.37 4.25
N LEU B 326 -3.04 3.10 5.34
CA LEU B 326 -3.86 2.85 6.55
C LEU B 326 -5.31 3.23 6.35
N PRO B 327 -6.23 2.38 6.82
CA PRO B 327 -7.65 2.74 6.72
C PRO B 327 -7.94 4.09 7.35
N SER B 328 -7.28 4.38 8.47
CA SER B 328 -7.46 5.66 9.14
C SER B 328 -7.10 6.92 8.28
N MET B 329 -6.13 6.77 7.38
CA MET B 329 -5.72 7.85 6.52
C MET B 329 -6.60 8.05 5.29
N ARG B 330 -7.59 7.21 5.08
CA ARG B 330 -8.48 7.36 3.93
C ARG B 330 -9.28 8.66 3.91
N ALA B 331 -9.24 9.30 2.74
CA ALA B 331 -10.01 10.51 2.41
C ALA B 331 -11.31 10.17 1.64
N VAL B 332 -12.14 11.20 1.44
CA VAL B 332 -13.44 11.09 0.74
C VAL B 332 -13.26 11.50 -0.71
N PHE B 333 -14.04 10.89 -1.60
CA PHE B 333 -14.25 11.41 -2.94
C PHE B 333 -15.70 11.15 -3.32
N LEU B 334 -16.38 12.23 -3.65
CA LEU B 334 -17.72 12.14 -4.24
C LEU B 334 -17.97 13.28 -5.21
N ALA B 335 -18.94 13.09 -6.08
CA ALA B 335 -19.17 14.04 -7.15
C ALA B 335 -20.58 13.96 -7.64
N GLN B 336 -21.09 15.09 -8.12
CA GLN B 336 -22.44 15.14 -8.65
C GLN B 336 -22.64 16.37 -9.53
N GLY B 337 -23.46 16.20 -10.56
CA GLY B 337 -23.90 17.30 -11.40
C GLY B 337 -24.27 16.86 -12.80
N PRO B 338 -24.49 17.83 -13.71
CA PRO B 338 -25.00 17.48 -15.06
C PRO B 338 -24.10 16.56 -15.92
N ASP B 339 -22.79 16.55 -15.68
CA ASP B 339 -21.85 15.73 -16.45
C ASP B 339 -21.29 14.54 -15.69
N LEU B 340 -21.90 14.21 -14.55
CA LEU B 340 -21.42 13.12 -13.71
C LEU B 340 -22.52 12.07 -13.58
N ALA B 341 -22.14 10.81 -13.40
CA ALA B 341 -23.07 9.68 -13.32
C ALA B 341 -23.90 9.81 -12.08
N GLN B 342 -24.92 8.98 -11.99
CA GLN B 342 -25.86 9.08 -10.88
C GLN B 342 -26.11 7.74 -10.21
N GLY B 343 -26.04 7.70 -8.89
CA GLY B 343 -26.20 6.47 -8.12
C GLY B 343 -25.07 5.44 -8.36
N LYS B 344 -23.86 5.91 -8.65
CA LYS B 344 -22.74 5.02 -8.94
C LYS B 344 -21.72 4.98 -7.80
N THR B 345 -21.16 3.79 -7.54
CA THR B 345 -20.06 3.60 -6.58
C THR B 345 -18.80 3.24 -7.33
N LEU B 346 -17.67 3.79 -6.89
CA LEU B 346 -16.38 3.45 -7.47
C LEU B 346 -15.53 2.72 -6.44
N PRO B 347 -14.58 1.91 -6.90
CA PRO B 347 -13.57 1.34 -5.98
C PRO B 347 -12.65 2.41 -5.36
N GLY B 348 -12.02 2.03 -4.25
CA GLY B 348 -10.93 2.79 -3.67
C GLY B 348 -9.89 3.14 -4.75
N PHE B 349 -9.32 4.34 -4.68
CA PHE B 349 -8.29 4.77 -5.64
C PHE B 349 -7.34 5.84 -5.05
N ASP B 350 -6.27 6.16 -5.79
CA ASP B 350 -5.33 7.20 -5.35
C ASP B 350 -5.70 8.59 -5.79
N ASN B 351 -5.45 9.56 -4.90
CA ASN B 351 -5.81 10.97 -5.14
C ASN B 351 -5.18 11.72 -6.35
N VAL B 352 -4.05 11.23 -6.83
CA VAL B 352 -3.47 11.73 -8.07
C VAL B 352 -4.40 11.59 -9.27
N ASP B 353 -5.41 10.73 -9.17
CA ASP B 353 -6.35 10.50 -10.27
C ASP B 353 -7.47 11.53 -10.40
N VAL B 354 -7.66 12.39 -9.41
CA VAL B 354 -8.68 13.40 -9.47
C VAL B 354 -8.39 14.46 -10.60
N TYR B 355 -7.14 14.90 -10.73
CA TYR B 355 -6.76 15.93 -11.71
C TYR B 355 -7.32 15.71 -13.14
N ALA B 356 -7.28 14.47 -13.65
CA ALA B 356 -7.70 14.19 -15.03
C ALA B 356 -9.19 14.39 -15.19
N LEU B 357 -9.95 13.99 -14.18
CA LEU B 357 -11.36 14.16 -14.16
C LEU B 357 -11.69 15.65 -14.20
N MET B 358 -11.01 16.44 -13.35
CA MET B 358 -11.23 17.89 -13.31
C MET B 358 -10.86 18.60 -14.62
N SER B 359 -9.72 18.23 -15.20
CA SER B 359 -9.30 18.80 -16.48
C SER B 359 -10.40 18.66 -17.51
N ARG B 360 -10.98 17.47 -17.56
CA ARG B 360 -12.02 17.18 -18.52
C ARG B 360 -13.32 17.95 -18.20
N LEU B 361 -13.76 17.97 -16.93
CA LEU B 361 -14.88 18.81 -16.55
C LEU B 361 -14.67 20.35 -16.80
N LEU B 362 -13.43 20.82 -16.80
CA LEU B 362 -13.11 22.25 -16.98
C LEU B 362 -12.78 22.61 -18.43
N GLY B 363 -12.71 21.62 -19.31
CA GLY B 363 -12.36 21.83 -20.70
C GLY B 363 -10.96 22.37 -20.88
N ILE B 364 -10.04 21.92 -20.04
CA ILE B 364 -8.64 22.31 -20.15
C ILE B 364 -7.79 21.11 -20.52
N PRO B 365 -6.68 21.36 -21.22
CA PRO B 365 -5.80 20.24 -21.50
C PRO B 365 -5.11 19.89 -20.19
N ALA B 366 -5.01 18.60 -19.93
CA ALA B 366 -4.33 18.10 -18.74
C ALA B 366 -2.84 18.20 -18.92
N ALA B 367 -2.18 18.87 -17.99
CA ALA B 367 -0.71 18.85 -17.94
C ALA B 367 -0.23 17.44 -17.61
N PRO B 368 1.06 17.16 -17.86
CA PRO B 368 1.56 15.80 -17.62
C PRO B 368 1.50 15.54 -16.14
N ASN B 369 0.97 14.41 -15.71
CA ASN B 369 0.75 14.17 -14.26
C ASN B 369 0.96 12.72 -13.88
N ASP B 370 0.85 12.41 -12.59
CA ASP B 370 1.13 11.08 -12.10
C ASP B 370 -0.12 10.22 -12.02
N GLY B 371 -1.27 10.73 -12.47
CA GLY B 371 -2.53 10.08 -12.30
C GLY B 371 -2.87 9.15 -13.44
N ASN B 372 -3.81 8.26 -13.20
CA ASN B 372 -4.35 7.38 -14.22
C ASN B 372 -5.66 7.99 -14.75
N PRO B 373 -5.67 8.44 -16.00
CA PRO B 373 -6.88 9.04 -16.50
C PRO B 373 -8.09 8.12 -16.62
N ALA B 374 -7.88 6.80 -16.60
CA ALA B 374 -8.96 5.84 -16.74
C ALA B 374 -9.76 5.65 -15.47
N THR B 375 -9.17 5.83 -14.30
CA THR B 375 -9.84 5.50 -13.03
C THR B 375 -11.18 6.21 -12.92
N LEU B 376 -11.23 7.49 -13.23
CA LEU B 376 -12.44 8.27 -13.04
C LEU B 376 -13.30 8.52 -14.27
N LEU B 377 -12.91 7.96 -15.42
CA LEU B 377 -13.79 8.03 -16.60
C LEU B 377 -15.19 7.48 -16.30
N PRO B 378 -15.30 6.37 -15.54
CA PRO B 378 -16.63 5.88 -15.12
C PRO B 378 -17.52 6.86 -14.39
N ALA B 379 -16.93 7.87 -13.72
CA ALA B 379 -17.69 8.93 -12.99
C ALA B 379 -18.44 9.84 -13.97
N LEU B 380 -17.92 9.98 -15.18
CA LEU B 380 -18.58 10.75 -16.22
C LEU B 380 -19.83 10.09 -16.77
N ARG B 381 -20.70 10.94 -17.33
CA ARG B 381 -21.70 10.56 -18.31
C ARG B 381 -21.09 10.59 -19.73
N MET B 382 -21.36 9.59 -20.58
CA MET B 382 -20.75 9.47 -21.94
C MET B 382 -19.20 9.47 -21.92
N PRO B 383 -18.61 8.38 -21.36
CA PRO B 383 -17.16 8.19 -21.42
C PRO B 383 -16.68 7.97 -22.84
#